data_2VNK
#
_entry.id   2VNK
#
_cell.length_a   69.382
_cell.length_b   93.446
_cell.length_c   104.936
_cell.angle_alpha   90.00
_cell.angle_beta   89.97
_cell.angle_gamma   90.00
#
_symmetry.space_group_name_H-M   'P 1 21 1'
#
loop_
_entity.id
_entity.type
_entity.pdbx_description
1 polymer 'NADPH\:FERREDOXIN REDUCTASE'
2 non-polymer 'FLAVIN-ADENINE DINUCLEOTIDE'
3 non-polymer 'NADP NICOTINAMIDE-ADENINE-DINUCLEOTIDE PHOSPHATE'
4 water water
#
_entity_poly.entity_id   1
_entity_poly.type   'polypeptide(L)'
_entity_poly.pdbx_seq_one_letter_code
;TTVNETTPIAPAKVLPDAQTVTSVRHWTDTLFSFRVTRPQTLRFRSGEFVMIGLLDDNGKPIMRAYSIASPAWDEELEFY
SIKVPDGPLTSRLQHIKVGEQIILRPKPVGTLVIDALLPGKRLWFLATGTGIAPFASLMREPEAYEKFDEVIMMHACRTV
AELEYGRQLVEALQEDPLIGELVEGKLKYYPTTTREEFHHMGRITDNLASGKVFEDLGIAPMNPETDRAMVCGSLAFNVD
VMKVLESYGLREGANSEPREFVVEKAFVGEGI
;
_entity_poly.pdbx_strand_id   A,B,C,D
#
loop_
_chem_comp.id
_chem_comp.type
_chem_comp.name
_chem_comp.formula
FAD non-polymer 'FLAVIN-ADENINE DINUCLEOTIDE' 'C27 H33 N9 O15 P2'
NAP non-polymer 'NADP NICOTINAMIDE-ADENINE-DINUCLEOTIDE PHOSPHATE' 'C21 H28 N7 O17 P3'
#
# COMPACT_ATOMS: atom_id res chain seq x y z
N PRO A 16 -8.04 32.99 3.52
CA PRO A 16 -9.54 32.98 3.51
C PRO A 16 -10.06 31.72 2.85
N ASP A 17 -10.91 30.96 3.54
CA ASP A 17 -11.46 29.72 3.00
C ASP A 17 -10.33 28.94 2.31
N ALA A 18 -9.17 28.82 2.96
CA ALA A 18 -8.03 28.17 2.33
C ALA A 18 -8.03 26.66 2.53
N GLN A 19 -7.69 25.94 1.48
CA GLN A 19 -7.53 24.50 1.55
C GLN A 19 -6.19 24.19 0.94
N THR A 20 -5.63 23.04 1.29
CA THR A 20 -4.26 22.72 0.92
C THR A 20 -4.20 21.64 -0.15
N VAL A 21 -3.31 21.83 -1.11
CA VAL A 21 -3.12 20.89 -2.22
C VAL A 21 -2.43 19.64 -1.70
N THR A 22 -3.03 18.46 -1.92
CA THR A 22 -2.47 17.18 -1.46
C THR A 22 -1.85 16.34 -2.57
N SER A 23 -2.27 16.56 -3.82
CA SER A 23 -1.59 15.97 -4.97
C SER A 23 -1.91 16.74 -6.24
N VAL A 24 -1.00 16.62 -7.20
CA VAL A 24 -1.16 17.25 -8.50
C VAL A 24 -0.78 16.25 -9.55
N ARG A 25 -1.52 16.26 -10.66
CA ARG A 25 -1.25 15.39 -11.81
C ARG A 25 -1.43 16.13 -13.13
N HIS A 26 -0.38 16.13 -13.94
CA HIS A 26 -0.39 16.73 -15.26
C HIS A 26 -0.70 15.69 -16.34
N TRP A 27 -1.63 16.04 -17.22
CA TRP A 27 -2.07 15.13 -18.28
C TRP A 27 -1.54 15.57 -19.65
N THR A 28 -1.67 16.85 -19.96
CA THR A 28 -1.09 17.45 -21.17
C THR A 28 -0.61 18.85 -20.85
N ASP A 29 -0.10 19.55 -21.87
CA ASP A 29 0.26 20.97 -21.71
C ASP A 29 -0.93 21.94 -21.59
N THR A 30 -2.15 21.43 -21.65
CA THR A 30 -3.34 22.24 -21.39
C THR A 30 -4.27 21.65 -20.32
N LEU A 31 -3.87 20.57 -19.67
CA LEU A 31 -4.74 19.86 -18.74
C LEU A 31 -3.98 19.33 -17.54
N PHE A 32 -4.52 19.58 -16.35
CA PHE A 32 -3.98 18.97 -15.14
C PHE A 32 -5.10 18.73 -14.16
N SER A 33 -4.94 17.77 -13.27
CA SER A 33 -5.84 17.64 -12.13
C SER A 33 -5.09 17.83 -10.82
N PHE A 34 -5.84 18.16 -9.78
CA PHE A 34 -5.30 18.21 -8.44
C PHE A 34 -6.36 17.89 -7.38
N ARG A 35 -5.87 17.59 -6.18
CA ARG A 35 -6.73 17.35 -5.04
C ARG A 35 -6.33 18.27 -3.88
N VAL A 36 -7.34 18.71 -3.14
CA VAL A 36 -7.13 19.53 -1.96
C VAL A 36 -7.91 19.02 -0.77
N THR A 37 -7.53 19.48 0.43
CA THR A 37 -8.28 19.14 1.63
C THR A 37 -9.73 19.65 1.54
N ARG A 38 -10.64 18.97 2.22
CA ARG A 38 -12.05 19.34 2.18
C ARG A 38 -12.45 20.10 3.44
N PRO A 39 -13.19 21.19 3.32
CA PRO A 39 -13.76 21.81 4.52
C PRO A 39 -14.61 20.78 5.24
N GLN A 40 -14.40 20.70 6.54
CA GLN A 40 -15.07 19.75 7.43
C GLN A 40 -16.61 19.81 7.39
N THR A 41 -17.18 20.99 7.12
CA THR A 41 -18.65 21.13 7.08
C THR A 41 -19.25 21.13 5.66
N LEU A 42 -18.41 20.98 4.65
CA LEU A 42 -18.86 20.92 3.25
C LEU A 42 -19.75 19.71 3.01
N ARG A 43 -20.93 19.98 2.49
CA ARG A 43 -21.89 18.97 2.06
C ARG A 43 -22.25 19.32 0.63
N PHE A 44 -22.20 18.34 -0.26
CA PHE A 44 -22.55 18.58 -1.65
C PHE A 44 -23.08 17.33 -2.31
N ARG A 45 -23.72 17.52 -3.45
CA ARG A 45 -24.20 16.44 -4.26
C ARG A 45 -23.29 16.35 -5.47
N SER A 46 -22.91 15.12 -5.81
CA SER A 46 -22.09 14.84 -6.99
C SER A 46 -22.66 15.53 -8.24
N GLY A 47 -21.82 16.30 -8.92
CA GLY A 47 -22.22 17.06 -10.10
C GLY A 47 -22.23 18.57 -9.88
N GLU A 48 -22.20 18.98 -8.61
CA GLU A 48 -22.21 20.38 -8.26
C GLU A 48 -20.84 21.04 -8.45
N PHE A 49 -20.86 22.37 -8.59
CA PHE A 49 -19.63 23.19 -8.67
C PHE A 49 -19.49 24.16 -7.51
N VAL A 50 -18.26 24.62 -7.26
CA VAL A 50 -17.96 25.69 -6.32
C VAL A 50 -17.02 26.75 -6.94
N MET A 51 -16.88 27.89 -6.27
CA MET A 51 -15.89 28.90 -6.69
C MET A 51 -14.55 28.58 -6.03
N ILE A 52 -13.47 28.50 -6.82
CA ILE A 52 -12.09 28.45 -6.27
C ILE A 52 -11.30 29.63 -6.80
N GLY A 53 -10.15 29.91 -6.20
CA GLY A 53 -9.34 31.01 -6.64
C GLY A 53 -7.92 31.06 -6.08
N LEU A 54 -7.19 32.03 -6.59
CA LEU A 54 -5.89 32.41 -6.07
C LEU A 54 -5.82 33.93 -5.98
N LEU A 55 -4.85 34.48 -5.26
CA LEU A 55 -4.67 35.93 -5.19
C LEU A 55 -3.84 36.41 -6.38
N ASP A 56 -4.23 37.56 -6.94
CA ASP A 56 -3.48 38.18 -8.02
C ASP A 56 -2.31 38.98 -7.42
N ASP A 57 -1.59 39.71 -8.27
CA ASP A 57 -0.37 40.42 -7.86
C ASP A 57 -0.65 41.58 -6.89
N ASN A 58 -1.90 42.00 -6.79
CA ASN A 58 -2.31 43.06 -5.88
C ASN A 58 -3.00 42.51 -4.62
N GLY A 59 -3.03 41.20 -4.46
CA GLY A 59 -3.64 40.58 -3.29
C GLY A 59 -5.16 40.49 -3.36
N LYS A 60 -5.70 40.67 -4.56
CA LYS A 60 -7.14 40.54 -4.80
C LYS A 60 -7.47 39.13 -5.31
N PRO A 61 -8.59 38.54 -4.88
CA PRO A 61 -8.92 37.19 -5.34
C PRO A 61 -9.23 37.12 -6.84
N ILE A 62 -8.80 36.04 -7.49
CA ILE A 62 -9.20 35.71 -8.84
C ILE A 62 -10.06 34.46 -8.69
N MET A 63 -11.38 34.62 -8.82
CA MET A 63 -12.31 33.53 -8.55
C MET A 63 -12.89 32.96 -9.82
N ARG A 64 -13.03 31.62 -9.89
CA ARG A 64 -13.57 30.90 -11.04
C ARG A 64 -14.39 29.70 -10.58
N ALA A 65 -15.50 29.42 -11.27
CA ALA A 65 -16.30 28.24 -11.02
C ALA A 65 -15.59 26.96 -11.51
N TYR A 66 -15.61 25.91 -10.69
CA TYR A 66 -15.05 24.59 -11.02
C TYR A 66 -15.99 23.49 -10.52
N SER A 67 -16.31 22.51 -11.36
CA SER A 67 -17.04 21.33 -10.91
C SER A 67 -16.13 20.58 -9.96
N ILE A 68 -16.71 20.00 -8.94
CA ILE A 68 -15.94 19.14 -8.07
C ILE A 68 -15.94 17.81 -8.80
N ALA A 69 -14.74 17.34 -9.11
CA ALA A 69 -14.50 16.16 -9.92
C ALA A 69 -14.50 14.87 -9.11
N SER A 70 -14.48 15.00 -7.79
CA SER A 70 -14.56 13.87 -6.85
C SER A 70 -16.01 13.68 -6.42
N PRO A 71 -16.40 12.43 -6.14
CA PRO A 71 -17.76 12.14 -5.68
C PRO A 71 -17.98 12.65 -4.24
N ALA A 72 -19.23 12.85 -3.87
CA ALA A 72 -19.61 13.39 -2.55
C ALA A 72 -19.03 12.62 -1.36
N TRP A 73 -18.77 11.32 -1.51
CA TRP A 73 -18.22 10.54 -0.39
C TRP A 73 -16.74 10.77 -0.14
N ASP A 74 -16.02 11.32 -1.13
CA ASP A 74 -14.54 11.38 -1.10
C ASP A 74 -14.09 12.41 -0.07
N GLU A 75 -13.06 12.06 0.71
CA GLU A 75 -12.59 12.88 1.83
C GLU A 75 -11.74 14.06 1.40
N GLU A 76 -11.28 14.04 0.16
CA GLU A 76 -10.65 15.20 -0.46
C GLU A 76 -11.48 15.64 -1.66
N LEU A 77 -11.19 16.84 -2.14
CA LEU A 77 -11.87 17.42 -3.30
C LEU A 77 -10.92 17.43 -4.49
N GLU A 78 -11.36 16.81 -5.59
CA GLU A 78 -10.59 16.76 -6.83
C GLU A 78 -11.12 17.82 -7.80
N PHE A 79 -10.21 18.35 -8.60
CA PHE A 79 -10.51 19.28 -9.69
C PHE A 79 -9.72 18.89 -10.94
N TYR A 80 -10.37 19.07 -12.10
CA TYR A 80 -9.79 18.84 -13.42
C TYR A 80 -9.81 20.18 -14.14
N SER A 81 -8.62 20.67 -14.48
CA SER A 81 -8.46 22.04 -14.96
C SER A 81 -7.79 22.17 -16.32
N ILE A 82 -8.27 23.16 -17.05
CA ILE A 82 -7.62 23.65 -18.25
C ILE A 82 -6.38 24.45 -17.83
N LYS A 83 -5.43 24.62 -18.75
CA LYS A 83 -4.32 25.56 -18.61
C LYS A 83 -4.46 26.56 -19.77
N VAL A 84 -4.83 27.79 -19.45
CA VAL A 84 -4.92 28.84 -20.45
C VAL A 84 -3.66 29.70 -20.31
N PRO A 85 -2.85 29.78 -21.36
CA PRO A 85 -1.68 30.64 -21.30
C PRO A 85 -2.23 32.06 -21.30
N ASP A 86 -1.85 32.86 -20.32
CA ASP A 86 -2.39 34.23 -20.13
C ASP A 86 -3.77 34.24 -19.43
N GLY A 87 -4.30 33.08 -19.06
CA GLY A 87 -5.50 33.02 -18.25
C GLY A 87 -5.19 33.47 -16.83
N PRO A 88 -5.86 34.51 -16.33
CA PRO A 88 -5.54 35.03 -14.99
C PRO A 88 -5.47 33.95 -13.89
N LEU A 89 -6.43 33.03 -13.82
CA LEU A 89 -6.37 31.98 -12.81
C LEU A 89 -5.42 30.87 -13.20
N THR A 90 -5.61 30.27 -14.38
CA THR A 90 -4.90 29.01 -14.67
C THR A 90 -3.45 29.20 -15.07
N SER A 91 -3.06 30.39 -15.53
CA SER A 91 -1.65 30.67 -15.78
C SER A 91 -0.85 30.52 -14.49
N ARG A 92 -1.52 30.78 -13.36
CA ARG A 92 -0.95 30.62 -12.05
C ARG A 92 -1.22 29.22 -11.49
N LEU A 93 -2.46 28.76 -11.61
CA LEU A 93 -2.87 27.53 -10.95
C LEU A 93 -2.11 26.32 -11.51
N GLN A 94 -1.73 26.36 -12.78
CA GLN A 94 -0.98 25.24 -13.39
C GLN A 94 0.35 24.95 -12.71
N HIS A 95 0.86 25.91 -11.94
CA HIS A 95 2.16 25.77 -11.26
C HIS A 95 2.03 25.39 -9.80
N ILE A 96 0.82 25.08 -9.34
CA ILE A 96 0.63 24.83 -7.92
C ILE A 96 1.31 23.53 -7.50
N LYS A 97 1.73 23.51 -6.24
CA LYS A 97 2.48 22.39 -5.68
C LYS A 97 1.77 21.87 -4.44
N VAL A 98 2.01 20.60 -4.12
CA VAL A 98 1.59 20.03 -2.86
C VAL A 98 2.05 20.94 -1.72
N GLY A 99 1.15 21.20 -0.77
CA GLY A 99 1.42 22.04 0.38
C GLY A 99 1.05 23.49 0.20
N GLU A 100 0.87 23.93 -1.04
CA GLU A 100 0.36 25.26 -1.32
C GLU A 100 -1.16 25.28 -1.20
N GLN A 101 -1.76 26.46 -1.22
CA GLN A 101 -3.17 26.62 -0.89
C GLN A 101 -3.96 27.30 -2.00
N ILE A 102 -5.25 26.99 -2.06
CA ILE A 102 -6.20 27.70 -2.91
C ILE A 102 -7.29 28.26 -2.03
N ILE A 103 -8.05 29.20 -2.57
CA ILE A 103 -9.27 29.69 -1.95
C ILE A 103 -10.37 28.73 -2.40
N LEU A 104 -11.25 28.31 -1.49
CA LEU A 104 -12.38 27.48 -1.88
C LEU A 104 -13.60 27.92 -1.14
N ARG A 105 -14.59 28.38 -1.87
CA ARG A 105 -15.86 28.74 -1.31
C ARG A 105 -16.72 27.48 -1.15
N PRO A 106 -17.04 27.07 0.08
CA PRO A 106 -17.85 25.85 0.33
C PRO A 106 -19.37 26.08 0.15
N LYS A 107 -19.78 26.50 -1.03
CA LYS A 107 -21.17 26.81 -1.34
C LYS A 107 -21.48 26.12 -2.66
N PRO A 108 -21.76 24.83 -2.62
CA PRO A 108 -21.97 24.08 -3.87
C PRO A 108 -23.31 24.41 -4.53
N VAL A 109 -23.34 24.42 -5.86
CA VAL A 109 -24.56 24.72 -6.59
C VAL A 109 -24.48 24.06 -7.95
N GLY A 110 -25.55 24.15 -8.72
CA GLY A 110 -25.54 23.62 -10.07
C GLY A 110 -26.68 22.68 -10.33
N THR A 111 -27.00 22.51 -11.60
CA THR A 111 -28.13 21.66 -11.99
C THR A 111 -27.75 20.28 -12.51
N LEU A 112 -26.44 19.97 -12.58
CA LEU A 112 -26.01 18.62 -12.96
C LEU A 112 -26.10 17.65 -11.78
N VAL A 113 -27.30 17.41 -11.28
CA VAL A 113 -27.45 16.57 -10.12
C VAL A 113 -28.61 15.62 -10.38
N ILE A 114 -28.52 14.41 -9.85
CA ILE A 114 -29.54 13.39 -10.07
C ILE A 114 -30.96 13.83 -9.68
N ASP A 115 -31.06 14.63 -8.62
CA ASP A 115 -32.34 15.13 -8.11
C ASP A 115 -33.04 16.04 -9.11
N ALA A 116 -32.30 16.60 -10.06
CA ALA A 116 -32.86 17.53 -11.04
C ALA A 116 -33.42 16.82 -12.27
N LEU A 117 -33.46 15.49 -12.22
CA LEU A 117 -34.02 14.69 -13.30
C LEU A 117 -35.14 13.80 -12.78
N LEU A 118 -36.15 13.55 -13.60
CA LEU A 118 -37.13 12.53 -13.27
C LEU A 118 -36.44 11.16 -13.11
N PRO A 119 -36.90 10.32 -12.19
CA PRO A 119 -36.33 8.96 -12.13
C PRO A 119 -36.49 8.26 -13.48
N GLY A 120 -35.57 7.36 -13.80
CA GLY A 120 -35.60 6.65 -15.06
C GLY A 120 -34.80 5.37 -14.95
N LYS A 121 -34.44 4.80 -16.11
CA LYS A 121 -33.69 3.53 -16.18
C LYS A 121 -32.28 3.70 -16.73
N ARG A 122 -32.06 4.72 -17.55
CA ARG A 122 -30.74 4.98 -18.09
C ARG A 122 -30.36 6.44 -18.01
N LEU A 123 -29.09 6.65 -17.72
CA LEU A 123 -28.57 7.97 -17.43
C LEU A 123 -27.40 8.22 -18.37
N TRP A 124 -27.48 9.30 -19.15
CA TRP A 124 -26.46 9.65 -20.11
C TRP A 124 -25.72 10.88 -19.63
N PHE A 125 -24.40 10.81 -19.69
CA PHE A 125 -23.52 11.94 -19.47
C PHE A 125 -22.86 12.32 -20.79
N LEU A 126 -23.06 13.55 -21.23
CA LEU A 126 -22.63 13.98 -22.55
C LEU A 126 -21.71 15.16 -22.36
N ALA A 127 -20.43 14.96 -22.64
CA ALA A 127 -19.42 15.93 -22.28
C ALA A 127 -18.37 16.14 -23.33
N THR A 128 -17.86 17.35 -23.39
CA THR A 128 -16.67 17.64 -24.16
C THR A 128 -15.60 18.34 -23.34
N GLY A 129 -14.33 17.97 -23.57
CA GLY A 129 -13.21 18.59 -22.91
C GLY A 129 -13.30 18.46 -21.41
N THR A 130 -13.04 19.56 -20.69
CA THR A 130 -13.10 19.53 -19.23
C THR A 130 -14.51 19.38 -18.72
N GLY A 131 -15.51 19.41 -19.61
CA GLY A 131 -16.87 19.08 -19.24
C GLY A 131 -17.08 17.69 -18.69
N ILE A 132 -16.04 16.84 -18.74
CA ILE A 132 -16.14 15.55 -18.08
C ILE A 132 -16.07 15.68 -16.55
N ALA A 133 -15.53 16.81 -16.08
CA ALA A 133 -15.37 17.08 -14.63
C ALA A 133 -16.55 16.71 -13.74
N PRO A 134 -17.77 17.22 -13.97
CA PRO A 134 -18.88 16.80 -13.12
C PRO A 134 -19.22 15.31 -13.26
N PHE A 135 -18.83 14.70 -14.37
CA PHE A 135 -19.07 13.27 -14.55
C PHE A 135 -17.95 12.37 -14.00
N ALA A 136 -16.77 12.93 -13.78
CA ALA A 136 -15.76 12.28 -12.94
C ALA A 136 -16.30 12.07 -11.49
N SER A 137 -17.13 13.00 -11.05
CA SER A 137 -17.78 12.88 -9.76
C SER A 137 -18.91 11.88 -9.86
N LEU A 138 -19.84 12.12 -10.79
CA LEU A 138 -21.04 11.30 -10.89
C LEU A 138 -20.78 9.85 -11.26
N MET A 139 -19.75 9.57 -12.05
CA MET A 139 -19.42 8.17 -12.40
C MET A 139 -18.94 7.39 -11.18
N ARG A 140 -18.49 8.12 -10.16
CA ARG A 140 -18.08 7.56 -8.88
C ARG A 140 -19.12 7.74 -7.77
N GLU A 141 -20.34 8.13 -8.14
CA GLU A 141 -21.44 8.31 -7.20
C GLU A 141 -22.33 7.07 -7.11
N PRO A 142 -22.39 6.44 -5.92
CA PRO A 142 -23.25 5.26 -5.74
C PRO A 142 -24.69 5.44 -6.23
N GLU A 143 -25.26 6.62 -5.98
CA GLU A 143 -26.62 6.95 -6.41
C GLU A 143 -26.88 6.72 -7.91
N ALA A 144 -25.90 7.02 -8.76
CA ALA A 144 -26.06 6.80 -10.20
C ALA A 144 -26.36 5.33 -10.53
N TYR A 145 -25.70 4.42 -9.82
CA TYR A 145 -25.90 2.98 -10.02
C TYR A 145 -27.06 2.39 -9.23
N GLU A 146 -27.43 3.02 -8.11
CA GLU A 146 -28.57 2.57 -7.32
C GLU A 146 -29.90 2.91 -7.99
N LYS A 147 -29.96 4.05 -8.68
CA LYS A 147 -31.21 4.55 -9.26
C LYS A 147 -31.31 4.31 -10.77
N PHE A 148 -30.22 3.89 -11.41
CA PHE A 148 -30.22 3.62 -12.84
C PHE A 148 -29.61 2.25 -13.14
N ASP A 149 -30.07 1.64 -14.23
CA ASP A 149 -29.61 0.32 -14.66
C ASP A 149 -28.47 0.40 -15.65
N GLU A 150 -28.22 1.60 -16.18
CA GLU A 150 -27.20 1.79 -17.18
C GLU A 150 -26.78 3.26 -17.11
N VAL A 151 -25.48 3.51 -17.09
CA VAL A 151 -24.91 4.84 -17.12
C VAL A 151 -23.97 4.92 -18.33
N ILE A 152 -24.23 5.85 -19.26
CA ILE A 152 -23.51 5.99 -20.54
C ILE A 152 -22.70 7.28 -20.50
N MET A 153 -21.39 7.16 -20.62
CA MET A 153 -20.51 8.30 -20.60
C MET A 153 -19.95 8.52 -21.99
N MET A 154 -20.45 9.53 -22.70
CA MET A 154 -19.88 9.98 -23.96
C MET A 154 -19.01 11.20 -23.72
N HIS A 155 -17.74 11.07 -24.06
CA HIS A 155 -16.74 12.12 -23.92
C HIS A 155 -16.04 12.27 -25.25
N ALA A 156 -16.18 13.45 -25.83
CA ALA A 156 -15.56 13.83 -27.09
C ALA A 156 -14.56 14.94 -26.86
N CYS A 157 -13.34 14.73 -27.37
CA CYS A 157 -12.28 15.72 -27.35
C CYS A 157 -11.61 15.78 -28.73
N ARG A 158 -10.82 16.83 -28.98
CA ARG A 158 -10.08 16.95 -30.21
C ARG A 158 -9.03 15.82 -30.32
N THR A 159 -8.34 15.53 -29.21
CA THR A 159 -7.19 14.62 -29.24
C THR A 159 -7.30 13.50 -28.23
N VAL A 160 -6.50 12.47 -28.48
CA VAL A 160 -6.47 11.28 -27.65
C VAL A 160 -5.96 11.58 -26.24
N ALA A 161 -4.92 12.40 -26.13
CA ALA A 161 -4.36 12.73 -24.82
C ALA A 161 -5.36 13.45 -23.90
N GLU A 162 -6.30 14.18 -24.49
CA GLU A 162 -7.32 14.86 -23.72
C GLU A 162 -8.35 13.92 -23.08
N LEU A 163 -8.46 12.69 -23.58
CA LEU A 163 -9.31 11.67 -22.98
C LEU A 163 -8.67 10.91 -21.83
N GLU A 164 -7.37 11.07 -21.61
CA GLU A 164 -6.66 10.18 -20.72
C GLU A 164 -7.14 10.21 -19.25
N TYR A 165 -7.38 11.41 -18.70
CA TYR A 165 -7.83 11.56 -17.32
C TYR A 165 -9.08 10.71 -17.11
N GLY A 166 -10.07 10.87 -17.99
CA GLY A 166 -11.32 10.13 -17.89
C GLY A 166 -11.13 8.66 -18.16
N ARG A 167 -10.26 8.31 -19.10
CA ARG A 167 -10.06 6.90 -19.43
C ARG A 167 -9.52 6.14 -18.19
N GLN A 168 -8.61 6.78 -17.47
CA GLN A 168 -7.97 6.15 -16.31
C GLN A 168 -8.93 6.00 -15.14
N LEU A 169 -9.78 7.00 -14.98
CA LEU A 169 -10.86 6.95 -14.01
C LEU A 169 -11.78 5.76 -14.26
N VAL A 170 -12.27 5.64 -15.50
CA VAL A 170 -13.18 4.55 -15.87
C VAL A 170 -12.49 3.19 -15.77
N GLU A 171 -11.23 3.09 -16.19
CA GLU A 171 -10.50 1.82 -16.08
C GLU A 171 -10.35 1.35 -14.63
N ALA A 172 -10.00 2.26 -13.73
CA ALA A 172 -9.85 1.97 -12.30
C ALA A 172 -11.16 1.44 -11.73
N LEU A 173 -12.27 2.08 -12.12
CA LEU A 173 -13.59 1.65 -11.67
C LEU A 173 -13.93 0.23 -12.12
N GLN A 174 -13.69 -0.05 -13.39
CA GLN A 174 -14.18 -1.28 -13.98
C GLN A 174 -13.29 -2.46 -13.62
N GLU A 175 -12.03 -2.18 -13.32
CA GLU A 175 -11.04 -3.21 -13.03
C GLU A 175 -10.95 -3.56 -11.55
N ASP A 176 -11.43 -2.67 -10.68
CA ASP A 176 -11.44 -2.96 -9.26
C ASP A 176 -12.39 -4.13 -8.97
N PRO A 177 -11.92 -5.19 -8.30
CA PRO A 177 -12.78 -6.35 -8.02
C PRO A 177 -14.11 -5.99 -7.33
N LEU A 178 -14.08 -5.21 -6.25
CA LEU A 178 -15.32 -4.85 -5.56
C LEU A 178 -16.23 -3.92 -6.37
N ILE A 179 -15.70 -2.79 -6.84
CA ILE A 179 -16.51 -1.79 -7.55
C ILE A 179 -17.17 -2.39 -8.79
N GLY A 180 -16.42 -3.18 -9.57
CA GLY A 180 -16.97 -3.91 -10.70
C GLY A 180 -18.19 -4.75 -10.34
N GLU A 181 -18.11 -5.44 -9.21
CA GLU A 181 -19.25 -6.20 -8.68
C GLU A 181 -20.46 -5.31 -8.38
N LEU A 182 -20.22 -4.17 -7.74
CA LEU A 182 -21.31 -3.28 -7.35
C LEU A 182 -21.93 -2.57 -8.56
N VAL A 183 -21.08 -2.25 -9.52
CA VAL A 183 -21.47 -1.51 -10.71
C VAL A 183 -22.21 -2.44 -11.66
N GLU A 184 -21.76 -3.71 -11.69
CA GLU A 184 -22.40 -4.80 -12.46
C GLU A 184 -22.61 -4.54 -13.96
N GLY A 185 -21.54 -4.16 -14.65
CA GLY A 185 -21.63 -3.90 -16.09
C GLY A 185 -22.45 -2.66 -16.51
N LYS A 186 -22.86 -1.84 -15.54
CA LYS A 186 -23.76 -0.70 -15.81
C LYS A 186 -23.10 0.48 -16.55
N LEU A 187 -21.81 0.69 -16.31
CA LEU A 187 -21.08 1.81 -16.90
C LEU A 187 -20.58 1.50 -18.32
N LYS A 188 -21.07 2.27 -19.28
CA LYS A 188 -20.70 2.15 -20.69
C LYS A 188 -19.92 3.41 -21.08
N TYR A 189 -18.69 3.24 -21.49
CA TYR A 189 -17.79 4.36 -21.72
C TYR A 189 -17.55 4.49 -23.23
N TYR A 190 -17.78 5.69 -23.77
CA TYR A 190 -17.71 5.92 -25.21
C TYR A 190 -16.93 7.17 -25.46
N PRO A 191 -15.60 7.06 -25.36
CA PRO A 191 -14.72 8.15 -25.76
C PRO A 191 -14.60 8.30 -27.28
N THR A 192 -14.58 9.53 -27.77
CA THR A 192 -14.27 9.80 -29.17
C THR A 192 -13.31 10.98 -29.32
N THR A 193 -12.57 11.00 -30.42
CA THR A 193 -11.83 12.18 -30.86
C THR A 193 -12.49 12.79 -32.09
N THR A 194 -12.26 14.07 -32.34
CA THR A 194 -12.80 14.71 -33.55
C THR A 194 -11.73 15.18 -34.54
N ARG A 195 -10.46 15.12 -34.13
CA ARG A 195 -9.37 15.56 -35.00
C ARG A 195 -8.35 14.43 -35.17
N GLU A 196 -7.75 13.96 -34.09
CA GLU A 196 -6.73 12.92 -34.16
C GLU A 196 -7.34 11.54 -34.44
N GLU A 197 -6.57 10.67 -35.09
CA GLU A 197 -7.03 9.31 -35.37
C GLU A 197 -7.18 8.51 -34.09
N PHE A 198 -8.31 7.79 -34.00
CA PHE A 198 -8.69 7.02 -32.83
C PHE A 198 -9.77 6.06 -33.32
N HIS A 199 -9.95 4.93 -32.65
CA HIS A 199 -10.82 3.88 -33.16
C HIS A 199 -12.28 4.30 -33.19
N HIS A 200 -12.67 5.24 -32.33
CA HIS A 200 -14.01 5.85 -32.40
C HIS A 200 -13.88 7.37 -32.51
N MET A 201 -14.54 7.93 -33.51
CA MET A 201 -14.48 9.35 -33.77
C MET A 201 -15.86 9.96 -33.88
N GLY A 202 -15.90 11.29 -33.84
CA GLY A 202 -17.11 12.03 -34.11
C GLY A 202 -17.67 12.78 -32.91
N ARG A 203 -18.37 13.87 -33.22
CA ARG A 203 -19.09 14.64 -32.22
C ARG A 203 -20.20 13.83 -31.57
N ILE A 204 -20.50 14.18 -30.33
CA ILE A 204 -21.60 13.55 -29.61
C ILE A 204 -22.93 13.82 -30.32
N THR A 205 -23.12 15.03 -30.81
CA THR A 205 -24.35 15.36 -31.52
C THR A 205 -24.53 14.45 -32.71
N ASP A 206 -23.48 14.31 -33.52
CA ASP A 206 -23.57 13.52 -34.73
C ASP A 206 -23.78 12.02 -34.43
N ASN A 207 -23.08 11.50 -33.44
CA ASN A 207 -23.11 10.06 -33.13
C ASN A 207 -24.39 9.64 -32.43
N LEU A 208 -25.03 10.56 -31.70
CA LEU A 208 -26.35 10.30 -31.10
C LEU A 208 -27.46 10.40 -32.13
N ALA A 209 -27.40 11.44 -32.95
CA ALA A 209 -28.39 11.67 -34.00
C ALA A 209 -28.40 10.56 -35.03
N SER A 210 -27.23 10.11 -35.46
CA SER A 210 -27.14 9.06 -36.48
C SER A 210 -27.42 7.65 -35.94
N GLY A 211 -27.28 7.48 -34.63
CA GLY A 211 -27.46 6.19 -34.00
C GLY A 211 -26.21 5.33 -33.97
N LYS A 212 -25.08 5.90 -34.40
CA LYS A 212 -23.81 5.20 -34.39
C LYS A 212 -23.47 4.70 -32.99
N VAL A 213 -23.71 5.53 -31.99
CA VAL A 213 -23.34 5.18 -30.62
C VAL A 213 -24.14 3.95 -30.13
N PHE A 214 -25.39 3.85 -30.57
CA PHE A 214 -26.22 2.70 -30.21
C PHE A 214 -25.62 1.40 -30.73
N GLU A 215 -25.26 1.38 -32.02
CA GLU A 215 -24.58 0.24 -32.61
C GLU A 215 -23.25 -0.06 -31.93
N ASP A 216 -22.45 0.96 -31.72
CA ASP A 216 -21.09 0.77 -31.20
C ASP A 216 -21.13 0.18 -29.79
N LEU A 217 -22.03 0.65 -28.94
CA LEU A 217 -22.16 0.17 -27.57
C LEU A 217 -23.07 -1.05 -27.41
N GLY A 218 -23.85 -1.37 -28.45
CA GLY A 218 -24.79 -2.48 -28.42
C GLY A 218 -25.95 -2.26 -27.47
N ILE A 219 -26.51 -1.05 -27.51
CA ILE A 219 -27.64 -0.67 -26.65
C ILE A 219 -28.81 -0.14 -27.47
N ALA A 220 -29.99 -0.21 -26.85
CA ALA A 220 -31.21 0.35 -27.35
C ALA A 220 -31.08 1.85 -27.66
N PRO A 221 -31.77 2.31 -28.69
CA PRO A 221 -31.79 3.76 -28.99
C PRO A 221 -32.34 4.62 -27.84
N MET A 222 -31.95 5.87 -27.81
CA MET A 222 -32.42 6.83 -26.83
C MET A 222 -33.96 6.84 -26.83
N ASN A 223 -34.52 6.87 -25.62
CA ASN A 223 -35.94 6.66 -25.38
C ASN A 223 -36.40 7.65 -24.29
N PRO A 224 -37.36 8.51 -24.61
CA PRO A 224 -37.79 9.53 -23.67
C PRO A 224 -38.45 8.94 -22.42
N GLU A 225 -39.07 7.76 -22.53
CA GLU A 225 -39.68 7.08 -21.39
C GLU A 225 -38.70 6.70 -20.26
N THR A 226 -37.52 6.23 -20.64
CA THR A 226 -36.57 5.65 -19.72
C THR A 226 -35.28 6.47 -19.58
N ASP A 227 -34.95 7.30 -20.56
CA ASP A 227 -33.63 7.99 -20.53
C ASP A 227 -33.62 9.39 -19.93
N ARG A 228 -32.54 9.66 -19.20
CA ARG A 228 -32.30 10.95 -18.58
C ARG A 228 -30.88 11.33 -18.96
N ALA A 229 -30.64 12.60 -19.26
CA ALA A 229 -29.29 13.01 -19.63
C ALA A 229 -28.82 14.30 -18.95
N MET A 230 -27.51 14.44 -18.88
CA MET A 230 -26.85 15.65 -18.39
C MET A 230 -25.83 16.07 -19.44
N VAL A 231 -25.79 17.37 -19.74
CA VAL A 231 -25.00 17.93 -20.83
C VAL A 231 -24.01 18.97 -20.26
N CYS A 232 -22.74 18.80 -20.57
CA CYS A 232 -21.73 19.75 -20.11
C CYS A 232 -20.65 19.95 -21.15
N GLY A 233 -20.70 21.10 -21.81
CA GLY A 233 -19.69 21.54 -22.75
C GLY A 233 -19.78 23.03 -23.01
N SER A 234 -19.21 23.48 -24.13
CA SER A 234 -19.33 24.88 -24.53
C SER A 234 -20.80 25.19 -24.75
N LEU A 235 -21.14 26.47 -24.79
CA LEU A 235 -22.49 26.90 -25.13
C LEU A 235 -22.95 26.30 -26.46
N ALA A 236 -22.09 26.38 -27.47
CA ALA A 236 -22.36 25.86 -28.81
C ALA A 236 -22.68 24.36 -28.78
N PHE A 237 -21.88 23.60 -28.03
CA PHE A 237 -22.11 22.17 -27.83
C PHE A 237 -23.45 21.94 -27.15
N ASN A 238 -23.73 22.70 -26.08
CA ASN A 238 -24.94 22.50 -25.31
C ASN A 238 -26.17 22.74 -26.17
N VAL A 239 -26.14 23.81 -26.96
CA VAL A 239 -27.25 24.17 -27.84
C VAL A 239 -27.54 23.07 -28.85
N ASP A 240 -26.51 22.54 -29.46
CA ASP A 240 -26.68 21.49 -30.47
C ASP A 240 -27.12 20.14 -29.85
N VAL A 241 -26.58 19.82 -28.69
CA VAL A 241 -26.98 18.58 -28.00
C VAL A 241 -28.44 18.67 -27.57
N MET A 242 -28.88 19.83 -27.12
CA MET A 242 -30.26 19.98 -26.68
C MET A 242 -31.20 19.63 -27.82
N LYS A 243 -30.89 20.13 -29.02
CA LYS A 243 -31.67 19.83 -30.22
C LYS A 243 -31.76 18.31 -30.52
N VAL A 244 -30.65 17.59 -30.37
CA VAL A 244 -30.68 16.16 -30.60
C VAL A 244 -31.51 15.44 -29.55
N LEU A 245 -31.33 15.79 -28.28
CA LEU A 245 -32.11 15.20 -27.20
C LEU A 245 -33.60 15.41 -27.43
N GLU A 246 -33.96 16.63 -27.81
CA GLU A 246 -35.35 16.98 -28.06
C GLU A 246 -35.92 16.21 -29.25
N SER A 247 -35.08 15.87 -30.23
CA SER A 247 -35.53 15.10 -31.39
C SER A 247 -35.92 13.66 -30.98
N TYR A 248 -35.37 13.16 -29.88
CA TYR A 248 -35.77 11.85 -29.33
C TYR A 248 -36.94 11.98 -28.34
N GLY A 249 -37.37 13.21 -28.08
CA GLY A 249 -38.56 13.45 -27.28
C GLY A 249 -38.25 13.84 -25.84
N LEU A 250 -36.97 13.95 -25.50
CA LEU A 250 -36.53 14.35 -24.16
C LEU A 250 -36.69 15.86 -23.99
N ARG A 251 -37.14 16.30 -22.80
CA ARG A 251 -37.38 17.72 -22.50
C ARG A 251 -36.43 18.21 -21.40
N GLU A 252 -36.01 19.46 -21.50
CA GLU A 252 -35.18 20.10 -20.48
C GLU A 252 -36.00 20.43 -19.24
N GLY A 253 -35.40 20.17 -18.08
CA GLY A 253 -35.95 20.63 -16.82
C GLY A 253 -34.85 20.98 -15.82
N ALA A 254 -35.20 20.84 -14.54
CA ALA A 254 -34.33 21.07 -13.37
C ALA A 254 -35.17 21.11 -12.08
N ASN A 255 -34.55 20.76 -10.96
CA ASN A 255 -35.11 20.81 -9.59
C ASN A 255 -36.57 21.24 -9.40
N SER A 256 -36.90 22.47 -9.81
CA SER A 256 -38.27 23.01 -9.72
C SER A 256 -39.30 22.13 -10.44
N GLU A 257 -39.01 21.82 -11.71
CA GLU A 257 -39.79 20.85 -12.46
C GLU A 257 -38.83 19.94 -13.24
N PRO A 258 -38.39 18.85 -12.63
CA PRO A 258 -37.46 17.95 -13.29
C PRO A 258 -38.13 17.30 -14.50
N ARG A 259 -37.38 17.17 -15.59
CA ARG A 259 -37.87 16.45 -16.76
C ARG A 259 -36.79 15.42 -17.14
N GLU A 260 -36.38 15.34 -18.41
CA GLU A 260 -35.48 14.27 -18.86
C GLU A 260 -34.03 14.71 -19.06
N PHE A 261 -33.76 16.01 -19.10
CA PHE A 261 -32.36 16.41 -19.19
C PHE A 261 -32.03 17.74 -18.54
N VAL A 262 -30.75 17.92 -18.24
CA VAL A 262 -30.20 19.13 -17.64
C VAL A 262 -28.90 19.53 -18.34
N VAL A 263 -28.58 20.83 -18.33
CA VAL A 263 -27.39 21.34 -19.00
C VAL A 263 -26.66 22.41 -18.16
N GLU A 264 -25.34 22.43 -18.33
CA GLU A 264 -24.47 23.40 -17.69
C GLU A 264 -23.28 23.69 -18.59
N LYS A 265 -22.84 24.95 -18.61
CA LYS A 265 -21.67 25.31 -19.38
C LYS A 265 -20.41 24.84 -18.68
N ALA A 266 -19.55 24.17 -19.44
CA ALA A 266 -18.22 23.74 -18.99
C ALA A 266 -17.29 24.94 -18.79
N PHE A 267 -17.61 26.04 -19.46
CA PHE A 267 -16.89 27.29 -19.35
C PHE A 267 -17.69 28.36 -20.13
N VAL A 268 -17.40 29.64 -19.87
CA VAL A 268 -18.03 30.75 -20.58
C VAL A 268 -17.05 31.19 -21.68
N GLY A 269 -17.60 31.48 -22.86
CA GLY A 269 -16.80 31.82 -24.03
C GLY A 269 -16.71 30.74 -25.11
N GLU A 270 -15.75 30.94 -26.01
CA GLU A 270 -15.57 30.14 -27.22
C GLU A 270 -14.72 28.89 -26.97
N GLY A 271 -13.77 29.01 -26.04
CA GLY A 271 -12.96 27.88 -25.62
C GLY A 271 -11.57 27.85 -26.26
N ILE A 272 -10.62 27.28 -25.54
CA ILE A 272 -9.26 27.10 -26.04
C ILE A 272 -9.20 25.79 -26.80
N PRO B 16 -2.09 -31.56 -7.79
CA PRO B 16 -3.55 -31.62 -8.16
C PRO B 16 -4.32 -30.43 -7.60
N ASP B 17 -5.15 -29.78 -8.41
CA ASP B 17 -5.93 -28.65 -7.92
C ASP B 17 -5.02 -27.66 -7.16
N ALA B 18 -3.84 -27.38 -7.72
CA ALA B 18 -2.86 -26.53 -7.05
C ALA B 18 -3.21 -25.05 -7.19
N GLN B 19 -3.04 -24.29 -6.11
CA GLN B 19 -3.13 -22.83 -6.16
C GLN B 19 -1.90 -22.27 -5.47
N THR B 20 -1.50 -21.06 -5.87
CA THR B 20 -0.24 -20.48 -5.42
C THR B 20 -0.45 -19.39 -4.38
N VAL B 21 0.39 -19.39 -3.36
CA VAL B 21 0.29 -18.43 -2.27
C VAL B 21 0.80 -17.06 -2.76
N THR B 22 0.01 -16.01 -2.56
CA THR B 22 0.35 -14.64 -2.99
C THR B 22 0.70 -13.73 -1.84
N SER B 23 0.29 -14.08 -0.62
CA SER B 23 0.71 -13.36 0.58
C SER B 23 0.49 -14.20 1.83
N VAL B 24 1.27 -13.91 2.85
CA VAL B 24 1.16 -14.57 4.15
C VAL B 24 1.32 -13.54 5.26
N ARG B 25 0.48 -13.65 6.29
CA ARG B 25 0.51 -12.77 7.44
C ARG B 25 0.40 -13.53 8.77
N HIS B 26 1.43 -13.43 9.59
CA HIS B 26 1.43 -14.05 10.91
C HIS B 26 0.88 -13.09 11.97
N TRP B 27 -0.13 -13.55 12.70
CA TRP B 27 -0.75 -12.72 13.73
C TRP B 27 -0.19 -13.05 15.11
N THR B 28 -0.07 -14.33 15.40
CA THR B 28 0.63 -14.80 16.59
C THR B 28 1.34 -16.08 16.21
N ASP B 29 1.93 -16.71 17.21
CA ASP B 29 2.61 -17.99 17.04
C ASP B 29 1.59 -19.12 16.73
N THR B 30 0.32 -18.89 17.05
CA THR B 30 -0.73 -19.90 16.78
C THR B 30 -1.83 -19.46 15.77
N LEU B 31 -1.65 -18.31 15.13
CA LEU B 31 -2.61 -17.80 14.16
C LEU B 31 -1.91 -17.12 12.99
N PHE B 32 -2.27 -17.50 11.78
CA PHE B 32 -1.79 -16.82 10.59
C PHE B 32 -2.88 -16.79 9.51
N SER B 33 -2.79 -15.83 8.61
CA SER B 33 -3.66 -15.81 7.46
C SER B 33 -2.79 -15.86 6.21
N PHE B 34 -3.39 -16.25 5.10
CA PHE B 34 -2.70 -16.21 3.80
C PHE B 34 -3.72 -16.10 2.69
N ARG B 35 -3.24 -15.72 1.51
CA ARG B 35 -4.07 -15.68 0.33
C ARG B 35 -3.47 -16.51 -0.80
N VAL B 36 -4.33 -17.06 -1.65
CA VAL B 36 -3.91 -17.87 -2.79
C VAL B 36 -4.69 -17.49 -4.03
N THR B 37 -4.13 -17.83 -5.20
CA THR B 37 -4.84 -17.66 -6.46
C THR B 37 -6.16 -18.42 -6.45
N ARG B 38 -7.13 -17.89 -7.18
CA ARG B 38 -8.46 -18.49 -7.25
C ARG B 38 -8.63 -19.23 -8.55
N PRO B 39 -9.15 -20.46 -8.52
CA PRO B 39 -9.51 -21.13 -9.77
C PRO B 39 -10.52 -20.26 -10.50
N GLN B 40 -10.29 -20.12 -11.81
CA GLN B 40 -11.06 -19.25 -12.69
C GLN B 40 -12.56 -19.61 -12.73
N THR B 41 -12.87 -20.89 -12.55
CA THR B 41 -14.26 -21.37 -12.58
C THR B 41 -14.92 -21.49 -11.20
N LEU B 42 -14.20 -21.17 -10.13
CA LEU B 42 -14.76 -21.25 -8.78
C LEU B 42 -15.84 -20.18 -8.58
N ARG B 43 -17.01 -20.62 -8.16
CA ARG B 43 -18.09 -19.73 -7.76
C ARG B 43 -18.52 -20.18 -6.38
N PHE B 44 -18.59 -19.24 -5.43
CA PHE B 44 -19.09 -19.56 -4.11
C PHE B 44 -19.88 -18.42 -3.51
N ARG B 45 -20.56 -18.74 -2.41
CA ARG B 45 -21.31 -17.78 -1.63
C ARG B 45 -20.53 -17.52 -0.34
N SER B 46 -20.38 -16.25 0.01
CA SER B 46 -19.66 -15.86 1.21
C SER B 46 -20.19 -16.64 2.41
N GLY B 47 -19.27 -17.23 3.15
CA GLY B 47 -19.58 -18.07 4.29
C GLY B 47 -19.28 -19.55 4.12
N GLU B 48 -19.17 -19.99 2.88
CA GLU B 48 -18.92 -21.37 2.54
C GLU B 48 -17.47 -21.78 2.80
N PHE B 49 -17.27 -23.10 2.96
CA PHE B 49 -15.94 -23.70 3.12
C PHE B 49 -15.56 -24.64 1.98
N VAL B 50 -14.25 -24.88 1.85
CA VAL B 50 -13.69 -25.86 0.91
C VAL B 50 -12.65 -26.73 1.62
N MET B 51 -12.24 -27.82 0.98
CA MET B 51 -11.12 -28.63 1.47
C MET B 51 -9.81 -28.08 0.88
N ILE B 52 -8.85 -27.81 1.74
CA ILE B 52 -7.48 -27.50 1.29
C ILE B 52 -6.52 -28.53 1.89
N GLY B 53 -5.28 -28.54 1.42
CA GLY B 53 -4.33 -29.49 1.94
C GLY B 53 -2.90 -29.33 1.44
N LEU B 54 -2.06 -30.20 1.96
CA LEU B 54 -0.67 -30.31 1.52
C LEU B 54 -0.35 -31.80 1.45
N LEU B 55 0.75 -32.15 0.77
CA LEU B 55 1.21 -33.55 0.71
C LEU B 55 2.09 -33.82 1.91
N ASP B 56 1.92 -34.99 2.55
CA ASP B 56 2.77 -35.40 3.66
C ASP B 56 4.12 -35.94 3.13
N ASP B 57 4.92 -36.50 4.03
CA ASP B 57 6.27 -37.01 3.73
C ASP B 57 6.30 -38.17 2.72
N ASN B 58 5.17 -38.86 2.63
CA ASN B 58 5.00 -40.00 1.73
C ASN B 58 4.20 -39.68 0.48
N GLY B 59 3.95 -38.38 0.23
CA GLY B 59 3.22 -37.94 -0.94
C GLY B 59 1.72 -38.18 -0.88
N LYS B 60 1.20 -38.46 0.32
CA LYS B 60 -0.23 -38.62 0.55
C LYS B 60 -0.85 -37.28 0.97
N PRO B 61 -2.02 -36.95 0.46
CA PRO B 61 -2.68 -35.69 0.80
C PRO B 61 -3.10 -35.60 2.26
N ILE B 62 -2.89 -34.45 2.89
CA ILE B 62 -3.45 -34.13 4.20
C ILE B 62 -4.49 -33.08 3.92
N MET B 63 -5.77 -33.45 4.02
CA MET B 63 -6.87 -32.55 3.63
C MET B 63 -7.64 -32.07 4.85
N ARG B 64 -7.95 -30.76 4.88
CA ARG B 64 -8.75 -30.17 5.96
C ARG B 64 -9.75 -29.15 5.43
N ALA B 65 -10.92 -29.10 6.05
CA ALA B 65 -11.92 -28.08 5.73
C ALA B 65 -11.49 -26.71 6.27
N TYR B 66 -11.68 -25.68 5.46
CA TYR B 66 -11.36 -24.30 5.82
C TYR B 66 -12.41 -23.37 5.26
N SER B 67 -12.94 -22.47 6.10
CA SER B 67 -13.84 -21.44 5.59
C SER B 67 -13.06 -20.55 4.66
N ILE B 68 -13.63 -20.15 3.54
CA ILE B 68 -12.99 -19.10 2.76
C ILE B 68 -13.20 -17.76 3.51
N ALA B 69 -12.10 -17.14 3.92
CA ALA B 69 -12.17 -15.94 4.73
C ALA B 69 -12.36 -14.62 3.92
N SER B 70 -12.27 -14.71 2.59
CA SER B 70 -12.47 -13.58 1.69
C SER B 70 -13.90 -13.63 1.15
N PRO B 71 -14.47 -12.48 0.84
CA PRO B 71 -15.81 -12.45 0.24
C PRO B 71 -15.80 -12.99 -1.20
N ALA B 72 -16.96 -13.45 -1.66
CA ALA B 72 -17.11 -13.99 -3.02
C ALA B 72 -16.58 -13.10 -4.16
N TRP B 73 -16.64 -11.78 -4.03
CA TRP B 73 -16.16 -10.90 -5.10
C TRP B 73 -14.63 -10.85 -5.21
N ASP B 74 -13.93 -11.19 -4.13
CA ASP B 74 -12.47 -11.12 -4.07
C ASP B 74 -11.81 -12.08 -5.06
N GLU B 75 -10.88 -11.57 -5.86
CA GLU B 75 -10.24 -12.34 -6.93
C GLU B 75 -9.17 -13.31 -6.42
N GLU B 76 -8.81 -13.18 -5.15
CA GLU B 76 -8.01 -14.19 -4.48
C GLU B 76 -8.82 -14.77 -3.31
N LEU B 77 -8.38 -15.93 -2.82
CA LEU B 77 -9.00 -16.61 -1.71
C LEU B 77 -8.14 -16.46 -0.46
N GLU B 78 -8.76 -16.03 0.63
CA GLU B 78 -8.09 -15.80 1.90
C GLU B 78 -8.47 -16.91 2.87
N PHE B 79 -7.53 -17.26 3.73
CA PHE B 79 -7.73 -18.24 4.79
C PHE B 79 -7.16 -17.69 6.10
N TYR B 80 -7.84 -18.01 7.20
CA TYR B 80 -7.39 -17.66 8.54
C TYR B 80 -7.18 -18.96 9.26
N SER B 81 -5.95 -19.22 9.69
CA SER B 81 -5.57 -20.53 10.17
C SER B 81 -5.03 -20.55 11.57
N ILE B 82 -5.40 -21.61 12.27
CA ILE B 82 -4.76 -21.97 13.53
C ILE B 82 -3.38 -22.56 13.21
N LYS B 83 -2.49 -22.56 14.20
CA LYS B 83 -1.24 -23.34 14.12
C LYS B 83 -1.20 -24.29 15.31
N VAL B 84 -1.29 -25.59 15.03
CA VAL B 84 -1.26 -26.60 16.05
C VAL B 84 0.12 -27.22 15.96
N PRO B 85 0.89 -27.16 17.04
CA PRO B 85 2.20 -27.82 17.03
C PRO B 85 1.89 -29.30 17.01
N ASP B 86 2.42 -30.04 16.07
CA ASP B 86 2.11 -31.47 15.87
C ASP B 86 0.78 -31.73 15.14
N GLY B 87 0.08 -30.68 14.74
CA GLY B 87 -1.04 -30.81 13.83
C GLY B 87 -0.52 -31.21 12.45
N PRO B 88 -0.95 -32.36 11.90
CA PRO B 88 -0.45 -32.81 10.59
C PRO B 88 -0.46 -31.74 9.49
N LEU B 89 -1.58 -31.03 9.31
CA LEU B 89 -1.64 -30.01 8.28
C LEU B 89 -0.95 -28.74 8.73
N THR B 90 -1.30 -28.20 9.90
CA THR B 90 -0.87 -26.84 10.25
C THR B 90 0.57 -26.72 10.72
N SER B 91 1.15 -27.80 11.24
CA SER B 91 2.58 -27.81 11.55
C SER B 91 3.39 -27.56 10.28
N ARG B 92 2.85 -27.97 9.15
CA ARG B 92 3.45 -27.68 7.84
C ARG B 92 3.00 -26.34 7.23
N LEU B 93 1.69 -26.08 7.27
CA LEU B 93 1.13 -24.93 6.59
C LEU B 93 1.64 -23.61 7.15
N GLN B 94 1.97 -23.57 8.44
CA GLN B 94 2.54 -22.36 9.08
C GLN B 94 3.83 -21.83 8.41
N HIS B 95 4.59 -22.71 7.76
CA HIS B 95 5.84 -22.36 7.11
C HIS B 95 5.69 -22.01 5.64
N ILE B 96 4.46 -21.92 5.14
CA ILE B 96 4.25 -21.67 3.72
C ILE B 96 4.78 -20.29 3.33
N LYS B 97 5.28 -20.18 2.10
CA LYS B 97 5.84 -18.92 1.59
C LYS B 97 5.12 -18.49 0.32
N VAL B 98 5.15 -17.20 0.03
CA VAL B 98 4.71 -16.70 -1.25
C VAL B 98 5.42 -17.51 -2.35
N GLY B 99 4.64 -17.99 -3.30
CA GLY B 99 5.18 -18.73 -4.44
C GLY B 99 5.02 -20.24 -4.33
N GLU B 100 4.84 -20.73 -3.10
CA GLU B 100 4.55 -22.14 -2.88
C GLU B 100 3.07 -22.43 -3.15
N GLN B 101 2.73 -23.72 -3.21
CA GLN B 101 1.38 -24.11 -3.59
C GLN B 101 0.67 -24.91 -2.49
N ILE B 102 -0.66 -24.85 -2.51
CA ILE B 102 -1.48 -25.72 -1.68
C ILE B 102 -2.43 -26.48 -2.59
N ILE B 103 -3.02 -27.55 -2.08
CA ILE B 103 -4.13 -28.21 -2.75
C ILE B 103 -5.38 -27.47 -2.33
N LEU B 104 -6.27 -27.21 -3.29
CA LEU B 104 -7.54 -26.57 -3.02
C LEU B 104 -8.63 -27.17 -3.89
N ARG B 105 -9.62 -27.80 -3.25
CA ARG B 105 -10.74 -28.42 -3.96
C ARG B 105 -11.80 -27.36 -4.21
N PRO B 106 -12.08 -27.04 -5.47
CA PRO B 106 -13.04 -25.98 -5.81
C PRO B 106 -14.49 -26.44 -5.66
N LYS B 107 -14.86 -26.91 -4.48
CA LYS B 107 -16.20 -27.44 -4.21
C LYS B 107 -16.71 -26.84 -2.92
N PRO B 108 -17.24 -25.62 -2.98
CA PRO B 108 -17.70 -24.94 -1.78
C PRO B 108 -18.99 -25.50 -1.22
N VAL B 109 -19.12 -25.53 0.09
CA VAL B 109 -20.33 -26.02 0.73
C VAL B 109 -20.48 -25.33 2.08
N GLY B 110 -21.60 -25.57 2.74
CA GLY B 110 -21.80 -25.14 4.11
C GLY B 110 -23.09 -24.40 4.32
N THR B 111 -23.50 -24.26 5.58
CA THR B 111 -24.79 -23.64 5.86
C THR B 111 -24.70 -22.20 6.36
N LEU B 112 -23.49 -21.67 6.51
CA LEU B 112 -23.29 -20.28 6.93
C LEU B 112 -23.46 -19.33 5.76
N VAL B 113 -24.65 -19.33 5.17
CA VAL B 113 -24.91 -18.52 4.00
C VAL B 113 -26.23 -17.79 4.16
N ILE B 114 -26.29 -16.58 3.62
CA ILE B 114 -27.46 -15.72 3.78
C ILE B 114 -28.74 -16.38 3.26
N ASP B 115 -28.61 -17.16 2.20
CA ASP B 115 -29.74 -17.85 1.58
C ASP B 115 -30.40 -18.85 2.54
N ALA B 116 -29.65 -19.32 3.54
CA ALA B 116 -30.14 -20.33 4.48
C ALA B 116 -30.88 -19.73 5.68
N LEU B 117 -31.11 -18.42 5.63
CA LEU B 117 -31.86 -17.71 6.67
C LEU B 117 -33.08 -17.02 6.07
N LEU B 118 -34.16 -16.95 6.84
CA LEU B 118 -35.32 -16.17 6.44
C LEU B 118 -34.90 -14.72 6.31
N PRO B 119 -35.46 -13.97 5.38
CA PRO B 119 -35.15 -12.53 5.32
C PRO B 119 -35.54 -11.84 6.64
N GLY B 120 -34.77 -10.84 7.05
CA GLY B 120 -35.08 -10.08 8.26
C GLY B 120 -34.41 -8.73 8.23
N LYS B 121 -34.22 -8.13 9.41
CA LYS B 121 -33.68 -6.78 9.55
C LYS B 121 -32.32 -6.70 10.22
N ARG B 122 -31.96 -7.68 11.05
CA ARG B 122 -30.63 -7.68 11.69
C ARG B 122 -29.99 -9.04 11.58
N LEU B 123 -28.69 -9.03 11.31
CA LEU B 123 -27.92 -10.24 11.13
C LEU B 123 -26.84 -10.28 12.15
N TRP B 124 -26.79 -11.38 12.91
CA TRP B 124 -25.80 -11.54 13.95
C TRP B 124 -24.80 -12.61 13.53
N PHE B 125 -23.52 -12.32 13.71
CA PHE B 125 -22.45 -13.32 13.55
C PHE B 125 -21.86 -13.60 14.93
N LEU B 126 -21.91 -14.86 15.36
CA LEU B 126 -21.48 -15.25 16.70
C LEU B 126 -20.35 -16.27 16.58
N ALA B 127 -19.13 -15.83 16.90
CA ALA B 127 -17.94 -16.62 16.65
C ALA B 127 -16.95 -16.62 17.80
N THR B 128 -16.23 -17.73 17.90
CA THR B 128 -15.09 -17.79 18.79
C THR B 128 -13.86 -18.27 18.03
N GLY B 129 -12.67 -17.75 18.40
CA GLY B 129 -11.42 -18.16 17.82
C GLY B 129 -11.44 -18.04 16.30
N THR B 130 -10.96 -19.07 15.61
CA THR B 130 -10.92 -19.05 14.15
C THR B 130 -12.30 -19.13 13.53
N GLY B 131 -13.33 -19.35 14.34
CA GLY B 131 -14.73 -19.27 13.91
C GLY B 131 -15.14 -17.94 13.33
N ILE B 132 -14.33 -16.90 13.55
CA ILE B 132 -14.54 -15.65 12.81
C ILE B 132 -14.33 -15.75 11.28
N ALA B 133 -13.56 -16.74 10.84
CA ALA B 133 -13.23 -16.95 9.44
C ALA B 133 -14.36 -16.77 8.42
N PRO B 134 -15.49 -17.50 8.51
CA PRO B 134 -16.57 -17.26 7.56
C PRO B 134 -17.17 -15.86 7.67
N PHE B 135 -17.02 -15.21 8.82
CA PHE B 135 -17.53 -13.85 8.98
C PHE B 135 -16.54 -12.78 8.49
N ALA B 136 -15.28 -13.15 8.33
CA ALA B 136 -14.32 -12.31 7.60
C ALA B 136 -14.79 -12.20 6.17
N SER B 137 -15.36 -13.27 5.67
CA SER B 137 -15.97 -13.27 4.36
C SER B 137 -17.27 -12.46 4.36
N LEU B 138 -18.20 -12.87 5.23
CA LEU B 138 -19.55 -12.29 5.22
C LEU B 138 -19.60 -10.80 5.59
N MET B 139 -18.70 -10.33 6.45
CA MET B 139 -18.64 -8.92 6.81
C MET B 139 -18.22 -8.06 5.63
N ARG B 140 -17.57 -8.69 4.64
CA ARG B 140 -17.18 -8.02 3.40
C ARG B 140 -18.08 -8.35 2.20
N GLU B 141 -19.25 -8.92 2.46
CA GLU B 141 -20.19 -9.35 1.42
C GLU B 141 -21.27 -8.28 1.26
N PRO B 142 -21.40 -7.69 0.08
CA PRO B 142 -22.40 -6.63 -0.15
C PRO B 142 -23.82 -7.06 0.26
N GLU B 143 -24.15 -8.32 0.01
CA GLU B 143 -25.47 -8.85 0.31
C GLU B 143 -25.85 -8.68 1.78
N ALA B 144 -24.89 -8.81 2.69
CA ALA B 144 -25.16 -8.62 4.11
C ALA B 144 -25.75 -7.24 4.40
N TYR B 145 -25.21 -6.21 3.75
CA TYR B 145 -25.65 -4.83 3.93
C TYR B 145 -26.84 -4.44 3.04
N GLU B 146 -27.04 -5.15 1.94
CA GLU B 146 -28.19 -4.91 1.07
C GLU B 146 -29.48 -5.43 1.70
N LYS B 147 -29.38 -6.58 2.38
CA LYS B 147 -30.54 -7.30 2.87
C LYS B 147 -30.84 -7.09 4.37
N PHE B 148 -29.92 -6.42 5.06
CA PHE B 148 -30.07 -6.18 6.49
C PHE B 148 -29.72 -4.73 6.85
N ASP B 149 -30.43 -4.21 7.84
CA ASP B 149 -30.18 -2.87 8.36
C ASP B 149 -29.09 -2.80 9.41
N GLU B 150 -28.68 -3.95 9.94
CA GLU B 150 -27.70 -3.99 11.01
C GLU B 150 -27.02 -5.36 10.98
N VAL B 151 -25.70 -5.35 11.14
CA VAL B 151 -24.89 -6.56 11.14
C VAL B 151 -24.02 -6.50 12.40
N ILE B 152 -24.20 -7.47 13.30
CA ILE B 152 -23.55 -7.46 14.62
C ILE B 152 -22.51 -8.59 14.65
N MET B 153 -21.24 -8.22 14.82
CA MET B 153 -20.17 -9.20 14.92
C MET B 153 -19.73 -9.36 16.36
N MET B 154 -20.14 -10.45 17.00
CA MET B 154 -19.59 -10.81 18.31
C MET B 154 -18.47 -11.84 18.09
N HIS B 155 -17.25 -11.46 18.50
CA HIS B 155 -16.10 -12.35 18.48
C HIS B 155 -15.50 -12.43 19.87
N ALA B 156 -15.55 -13.65 20.44
CA ALA B 156 -15.02 -13.96 21.76
C ALA B 156 -13.79 -14.88 21.66
N CYS B 157 -12.71 -14.47 22.31
CA CYS B 157 -11.47 -15.25 22.40
C CYS B 157 -10.94 -15.21 23.83
N ARG B 158 -9.99 -16.10 24.16
CA ARG B 158 -9.31 -16.06 25.47
C ARG B 158 -8.50 -14.81 25.67
N THR B 159 -7.75 -14.40 24.64
CA THR B 159 -6.77 -13.31 24.79
C THR B 159 -6.90 -12.27 23.70
N VAL B 160 -6.35 -11.09 23.98
CA VAL B 160 -6.43 -9.93 23.08
C VAL B 160 -5.75 -10.15 21.71
N ALA B 161 -4.58 -10.79 21.69
CA ALA B 161 -3.84 -11.01 20.45
C ALA B 161 -4.66 -11.82 19.45
N GLU B 162 -5.54 -12.68 19.95
CA GLU B 162 -6.40 -13.50 19.11
C GLU B 162 -7.46 -12.71 18.37
N LEU B 163 -7.78 -11.51 18.84
CA LEU B 163 -8.76 -10.65 18.21
C LEU B 163 -8.23 -9.84 17.04
N GLU B 164 -6.91 -9.82 16.83
CA GLU B 164 -6.26 -8.81 15.98
C GLU B 164 -6.59 -8.91 14.49
N TYR B 165 -6.62 -10.13 13.94
CA TYR B 165 -6.98 -10.31 12.55
C TYR B 165 -8.35 -9.67 12.27
N GLY B 166 -9.31 -10.02 13.12
CA GLY B 166 -10.67 -9.51 13.01
C GLY B 166 -10.72 -8.00 13.18
N ARG B 167 -10.04 -7.48 14.19
CA ARG B 167 -10.05 -6.05 14.47
C ARG B 167 -9.51 -5.23 13.29
N GLN B 168 -8.44 -5.69 12.65
CA GLN B 168 -7.84 -4.94 11.53
C GLN B 168 -8.78 -4.94 10.33
N LEU B 169 -9.44 -6.06 10.12
CA LEU B 169 -10.44 -6.21 9.06
C LEU B 169 -11.57 -5.22 9.25
N VAL B 170 -12.17 -5.18 10.45
CA VAL B 170 -13.28 -4.29 10.71
C VAL B 170 -12.83 -2.84 10.55
N GLU B 171 -11.67 -2.53 11.09
CA GLU B 171 -11.17 -1.16 11.04
C GLU B 171 -10.99 -0.68 9.60
N ALA B 172 -10.42 -1.54 8.74
CA ALA B 172 -10.19 -1.19 7.34
C ALA B 172 -11.53 -0.88 6.65
N LEU B 173 -12.56 -1.68 6.94
CA LEU B 173 -13.88 -1.45 6.38
C LEU B 173 -14.49 -0.12 6.78
N GLN B 174 -14.43 0.18 8.07
CA GLN B 174 -15.12 1.34 8.62
C GLN B 174 -14.35 2.64 8.34
N GLU B 175 -13.03 2.51 8.16
CA GLU B 175 -12.11 3.63 7.86
C GLU B 175 -12.22 4.09 6.41
N ASP B 176 -12.42 3.13 5.50
CA ASP B 176 -12.43 3.43 4.07
C ASP B 176 -13.57 4.41 3.73
N PRO B 177 -13.26 5.55 3.12
CA PRO B 177 -14.29 6.55 2.81
C PRO B 177 -15.49 6.01 2.02
N LEU B 178 -15.25 5.22 0.99
CA LEU B 178 -16.35 4.69 0.19
C LEU B 178 -17.09 3.59 0.94
N ILE B 179 -16.39 2.59 1.46
CA ILE B 179 -17.06 1.45 2.12
C ILE B 179 -17.93 1.90 3.29
N GLY B 180 -17.37 2.70 4.20
CA GLY B 180 -18.15 3.30 5.28
C GLY B 180 -19.42 4.01 4.83
N GLU B 181 -19.36 4.64 3.66
CA GLU B 181 -20.53 5.28 3.05
C GLU B 181 -21.62 4.28 2.62
N LEU B 182 -21.22 3.23 1.92
CA LEU B 182 -22.14 2.18 1.46
C LEU B 182 -22.68 1.33 2.62
N VAL B 183 -21.87 1.19 3.66
CA VAL B 183 -22.19 0.37 4.83
C VAL B 183 -23.09 1.13 5.81
N GLU B 184 -23.04 2.46 5.75
CA GLU B 184 -23.85 3.39 6.57
C GLU B 184 -24.04 3.03 8.07
N GLY B 185 -22.94 2.90 8.81
CA GLY B 185 -23.00 2.59 10.24
C GLY B 185 -23.76 1.31 10.61
N LYS B 186 -23.87 0.37 9.68
CA LYS B 186 -24.62 -0.86 9.89
C LYS B 186 -23.82 -1.92 10.66
N LEU B 187 -22.49 -1.90 10.53
CA LEU B 187 -21.64 -2.91 11.13
C LEU B 187 -21.30 -2.54 12.57
N LYS B 188 -21.72 -3.39 13.50
CA LYS B 188 -21.43 -3.23 14.93
C LYS B 188 -20.49 -4.34 15.35
N TYR B 189 -19.33 -3.96 15.89
CA TYR B 189 -18.27 -4.89 16.22
C TYR B 189 -18.13 -4.95 17.75
N TYR B 190 -18.22 -6.17 18.27
CA TYR B 190 -18.27 -6.42 19.72
C TYR B 190 -17.28 -7.53 20.05
N PRO B 191 -16.00 -7.21 20.04
CA PRO B 191 -14.98 -8.17 20.46
C PRO B 191 -14.92 -8.32 21.99
N THR B 192 -14.70 -9.53 22.49
CA THR B 192 -14.45 -9.72 23.93
C THR B 192 -13.35 -10.73 24.18
N THR B 193 -12.77 -10.64 25.37
CA THR B 193 -11.88 -11.68 25.88
C THR B 193 -12.53 -12.39 27.06
N THR B 194 -12.12 -13.62 27.30
CA THR B 194 -12.63 -14.36 28.47
C THR B 194 -11.57 -14.65 29.55
N ARG B 195 -10.30 -14.41 29.27
CA ARG B 195 -9.27 -14.63 30.27
C ARG B 195 -8.49 -13.35 30.53
N GLU B 196 -7.93 -12.77 29.47
CA GLU B 196 -7.09 -11.58 29.58
C GLU B 196 -7.90 -10.33 29.85
N GLU B 197 -7.38 -9.41 30.66
CA GLU B 197 -8.07 -8.14 30.91
C GLU B 197 -8.20 -7.37 29.60
N PHE B 198 -9.40 -6.83 29.40
CA PHE B 198 -9.79 -6.11 28.19
C PHE B 198 -11.05 -5.35 28.54
N HIS B 199 -11.32 -4.24 27.86
CA HIS B 199 -12.41 -3.35 28.25
C HIS B 199 -13.79 -3.98 28.10
N HIS B 200 -13.93 -5.02 27.26
CA HIS B 200 -15.17 -5.80 27.19
C HIS B 200 -14.85 -7.29 27.30
N MET B 201 -15.44 -7.95 28.29
CA MET B 201 -15.13 -9.33 28.56
C MET B 201 -16.38 -10.20 28.54
N GLY B 202 -16.18 -11.51 28.48
CA GLY B 202 -17.25 -12.46 28.67
C GLY B 202 -17.63 -13.25 27.45
N ARG B 203 -18.11 -14.47 27.68
CA ARG B 203 -18.62 -15.31 26.61
C ARG B 203 -19.80 -14.72 25.88
N ILE B 204 -19.97 -15.16 24.64
CA ILE B 204 -21.06 -14.69 23.81
C ILE B 204 -22.40 -15.16 24.41
N THR B 205 -22.45 -16.40 24.88
CA THR B 205 -23.64 -16.94 25.55
C THR B 205 -24.08 -16.08 26.73
N ASP B 206 -23.15 -15.82 27.64
CA ASP B 206 -23.44 -15.01 28.82
C ASP B 206 -23.87 -13.58 28.46
N ASN B 207 -23.19 -12.95 27.50
CA ASN B 207 -23.44 -11.53 27.20
C ASN B 207 -24.73 -11.34 26.41
N LEU B 208 -25.12 -12.36 25.64
CA LEU B 208 -26.42 -12.32 24.94
C LEU B 208 -27.55 -12.63 25.89
N ALA B 209 -27.34 -13.63 26.74
CA ALA B 209 -28.35 -14.06 27.69
C ALA B 209 -28.66 -12.98 28.74
N SER B 210 -27.64 -12.27 29.20
CA SER B 210 -27.82 -11.24 30.25
C SER B 210 -28.29 -9.90 29.70
N GLY B 211 -28.07 -9.68 28.40
CA GLY B 211 -28.41 -8.44 27.74
C GLY B 211 -27.30 -7.42 27.78
N LYS B 212 -26.15 -7.78 28.36
CA LYS B 212 -25.01 -6.89 28.40
C LYS B 212 -24.65 -6.32 27.02
N VAL B 213 -24.66 -7.17 25.99
CA VAL B 213 -24.29 -6.73 24.64
C VAL B 213 -25.25 -5.67 24.09
N PHE B 214 -26.53 -5.77 24.43
CA PHE B 214 -27.54 -4.78 24.02
C PHE B 214 -27.23 -3.41 24.58
N GLU B 215 -26.97 -3.34 25.88
CA GLU B 215 -26.57 -2.08 26.53
C GLU B 215 -25.25 -1.55 25.96
N ASP B 216 -24.25 -2.41 25.85
CA ASP B 216 -22.93 -1.96 25.42
C ASP B 216 -22.96 -1.38 24.01
N LEU B 217 -23.67 -2.05 23.10
CA LEU B 217 -23.78 -1.58 21.73
C LEU B 217 -24.86 -0.55 21.52
N GLY B 218 -25.76 -0.40 22.50
CA GLY B 218 -26.85 0.54 22.38
C GLY B 218 -27.91 0.18 21.36
N ILE B 219 -28.25 -1.10 21.32
CA ILE B 219 -29.24 -1.65 20.39
C ILE B 219 -30.37 -2.39 21.10
N ALA B 220 -31.43 -2.65 20.35
CA ALA B 220 -32.60 -3.38 20.84
C ALA B 220 -32.23 -4.84 21.16
N PRO B 221 -32.87 -5.42 22.17
CA PRO B 221 -32.67 -6.84 22.47
C PRO B 221 -33.02 -7.77 21.28
N MET B 222 -32.42 -8.94 21.30
CA MET B 222 -32.67 -9.96 20.30
C MET B 222 -34.15 -10.22 20.18
N ASN B 223 -34.58 -10.35 18.93
CA ASN B 223 -35.99 -10.32 18.56
C ASN B 223 -36.19 -11.35 17.44
N PRO B 224 -37.00 -12.38 17.69
CA PRO B 224 -37.19 -13.46 16.70
C PRO B 224 -37.87 -13.03 15.39
N GLU B 225 -38.69 -11.99 15.44
CA GLU B 225 -39.35 -11.46 14.25
C GLU B 225 -38.36 -10.85 13.22
N THR B 226 -37.32 -10.17 13.70
CA THR B 226 -36.40 -9.45 12.82
C THR B 226 -34.98 -10.01 12.75
N ASP B 227 -34.59 -10.81 13.74
CA ASP B 227 -33.18 -11.17 13.89
C ASP B 227 -32.87 -12.56 13.34
N ARG B 228 -31.67 -12.66 12.76
CA ARG B 228 -31.16 -13.84 12.11
C ARG B 228 -29.74 -13.97 12.58
N ALA B 229 -29.31 -15.19 12.83
CA ALA B 229 -27.99 -15.40 13.38
C ALA B 229 -27.25 -16.58 12.75
N MET B 230 -25.94 -16.46 12.71
CA MET B 230 -25.03 -17.51 12.29
C MET B 230 -24.03 -17.75 13.42
N VAL B 231 -23.74 -19.02 13.67
CA VAL B 231 -22.97 -19.47 14.82
C VAL B 231 -21.80 -20.33 14.33
N CYS B 232 -20.58 -19.96 14.73
CA CYS B 232 -19.38 -20.69 14.35
C CYS B 232 -18.33 -20.72 15.47
N GLY B 233 -18.23 -21.86 16.14
CA GLY B 233 -17.24 -22.10 17.17
C GLY B 233 -17.10 -23.60 17.41
N SER B 234 -16.55 -23.97 18.55
CA SER B 234 -16.47 -25.37 18.95
C SER B 234 -17.90 -25.93 19.12
N LEU B 235 -18.00 -27.25 19.15
CA LEU B 235 -19.28 -27.92 19.35
C LEU B 235 -19.96 -27.43 20.64
N ALA B 236 -19.15 -27.34 21.72
CA ALA B 236 -19.58 -26.91 23.04
C ALA B 236 -20.22 -25.51 22.99
N PHE B 237 -19.54 -24.61 22.30
CA PHE B 237 -19.99 -23.23 22.08
C PHE B 237 -21.30 -23.21 21.28
N ASN B 238 -21.33 -24.00 20.20
CA ASN B 238 -22.49 -24.04 19.31
C ASN B 238 -23.73 -24.47 20.09
N VAL B 239 -23.60 -25.52 20.91
CA VAL B 239 -24.72 -26.09 21.64
C VAL B 239 -25.25 -25.06 22.64
N ASP B 240 -24.35 -24.40 23.34
CA ASP B 240 -24.77 -23.39 24.32
C ASP B 240 -25.37 -22.14 23.68
N VAL B 241 -24.82 -21.70 22.55
CA VAL B 241 -25.36 -20.52 21.85
C VAL B 241 -26.74 -20.89 21.33
N MET B 242 -26.92 -22.11 20.82
CA MET B 242 -28.22 -22.53 20.30
C MET B 242 -29.33 -22.34 21.37
N LYS B 243 -29.01 -22.75 22.61
CA LYS B 243 -29.92 -22.59 23.74
C LYS B 243 -30.29 -21.12 24.01
N VAL B 244 -29.31 -20.22 23.94
CA VAL B 244 -29.57 -18.81 24.16
C VAL B 244 -30.48 -18.22 23.08
N LEU B 245 -30.16 -18.53 21.82
CA LEU B 245 -30.97 -18.09 20.69
C LEU B 245 -32.40 -18.54 20.80
N GLU B 246 -32.57 -19.80 21.21
CA GLU B 246 -33.89 -20.40 21.31
C GLU B 246 -34.66 -19.78 22.47
N SER B 247 -33.94 -19.30 23.48
CA SER B 247 -34.55 -18.61 24.62
C SER B 247 -35.15 -17.27 24.22
N TYR B 248 -34.67 -16.69 23.11
CA TYR B 248 -35.27 -15.48 22.55
C TYR B 248 -36.35 -15.78 21.51
N GLY B 249 -36.62 -17.05 21.22
CA GLY B 249 -37.64 -17.44 20.27
C GLY B 249 -37.12 -17.78 18.88
N LEU B 250 -35.82 -17.69 18.66
CA LEU B 250 -35.23 -18.01 17.35
C LEU B 250 -35.09 -19.52 17.19
N ARG B 251 -35.33 -20.00 15.97
CA ARG B 251 -35.24 -21.42 15.65
C ARG B 251 -34.23 -21.63 14.54
N GLU B 252 -33.59 -22.80 14.58
CA GLU B 252 -32.59 -23.20 13.62
C GLU B 252 -33.23 -23.67 12.31
N GLY B 253 -32.59 -23.37 11.19
CA GLY B 253 -33.01 -23.87 9.89
C GLY B 253 -31.83 -24.10 8.96
N ALA B 254 -32.11 -24.01 7.65
CA ALA B 254 -31.17 -24.30 6.55
C ALA B 254 -31.81 -23.94 5.19
N ASN B 255 -31.06 -24.16 4.12
CA ASN B 255 -31.54 -23.90 2.74
C ASN B 255 -32.93 -24.48 2.46
N SER B 256 -33.10 -25.76 2.80
CA SER B 256 -34.36 -26.50 2.63
C SER B 256 -35.54 -25.79 3.30
N GLU B 257 -35.40 -25.49 4.59
CA GLU B 257 -36.39 -24.70 5.32
C GLU B 257 -35.67 -23.67 6.19
N PRO B 258 -35.46 -22.47 5.63
CA PRO B 258 -34.75 -21.40 6.35
C PRO B 258 -35.57 -20.95 7.53
N ARG B 259 -34.92 -20.71 8.65
CA ARG B 259 -35.57 -20.11 9.80
C ARG B 259 -34.72 -18.95 10.30
N GLU B 260 -34.41 -18.90 11.59
CA GLU B 260 -33.76 -17.73 12.16
C GLU B 260 -32.28 -17.90 12.41
N PHE B 261 -31.78 -19.13 12.51
CA PHE B 261 -30.34 -19.30 12.67
C PHE B 261 -29.74 -20.54 12.05
N VAL B 262 -28.44 -20.47 11.82
CA VAL B 262 -27.68 -21.58 11.26
C VAL B 262 -26.38 -21.72 12.04
N VAL B 263 -25.87 -22.95 12.14
CA VAL B 263 -24.64 -23.25 12.89
C VAL B 263 -23.68 -24.11 12.08
N GLU B 264 -22.40 -23.99 12.44
CA GLU B 264 -21.32 -24.75 11.84
C GLU B 264 -20.10 -24.81 12.79
N LYS B 265 -19.44 -25.96 12.84
CA LYS B 265 -18.30 -26.16 13.71
C LYS B 265 -17.08 -25.50 13.09
N ALA B 266 -16.41 -24.69 13.90
CA ALA B 266 -15.18 -24.03 13.51
C ALA B 266 -14.05 -25.04 13.36
N PHE B 267 -14.19 -26.16 14.09
CA PHE B 267 -13.25 -27.27 14.03
C PHE B 267 -13.92 -28.47 14.73
N VAL B 268 -13.41 -29.66 14.48
CA VAL B 268 -13.90 -30.89 15.09
C VAL B 268 -12.92 -31.28 16.21
N GLY B 269 -13.46 -31.55 17.41
CA GLY B 269 -12.68 -31.97 18.56
C GLY B 269 -12.70 -30.97 19.72
N PRO C 16 2.61 16.99 29.68
CA PRO C 16 4.10 17.16 29.75
C PRO C 16 4.81 16.08 28.92
N ASP C 17 5.63 16.49 27.95
CA ASP C 17 6.40 15.54 27.14
C ASP C 17 5.45 14.44 26.65
N ALA C 18 4.26 14.83 26.19
CA ALA C 18 3.28 13.84 25.75
C ALA C 18 3.50 13.45 24.28
N GLN C 19 3.36 12.17 24.00
CA GLN C 19 3.44 11.67 22.64
C GLN C 19 2.22 10.78 22.44
N THR C 20 1.83 10.60 21.18
CA THR C 20 0.56 9.93 20.86
C THR C 20 0.78 8.55 20.28
N VAL C 21 -0.02 7.59 20.75
CA VAL C 21 0.05 6.21 20.30
C VAL C 21 -0.49 6.13 18.89
N THR C 22 0.28 5.59 17.95
CA THR C 22 -0.14 5.43 16.55
C THR C 22 -0.52 4.01 16.18
N SER C 23 0.03 3.04 16.90
CA SER C 23 -0.38 1.65 16.72
C SER C 23 -0.04 0.80 17.94
N VAL C 24 -0.79 -0.27 18.08
CA VAL C 24 -0.64 -1.20 19.19
C VAL C 24 -0.78 -2.61 18.65
N ARG C 25 0.04 -3.52 19.18
CA ARG C 25 0.03 -4.92 18.80
C ARG C 25 0.24 -5.81 20.01
N HIS C 26 -0.69 -6.74 20.22
CA HIS C 26 -0.64 -7.71 21.31
C HIS C 26 -0.05 -9.04 20.82
N TRP C 27 0.92 -9.57 21.56
CA TRP C 27 1.59 -10.81 21.20
C TRP C 27 1.14 -11.98 22.06
N THR C 28 1.11 -11.79 23.38
CA THR C 28 0.56 -12.77 24.33
C THR C 28 -0.18 -12.04 25.44
N ASP C 29 -0.71 -12.80 26.41
CA ASP C 29 -1.33 -12.17 27.60
C ASP C 29 -0.32 -11.50 28.55
N THR C 30 0.98 -11.59 28.25
CA THR C 30 2.00 -10.86 29.00
C THR C 30 2.89 -9.94 28.14
N LEU C 31 2.63 -9.82 26.85
CA LEU C 31 3.50 -9.08 25.94
C LEU C 31 2.73 -8.27 24.91
N PHE C 32 3.10 -7.00 24.75
CA PHE C 32 2.55 -6.18 23.66
C PHE C 32 3.59 -5.19 23.21
N SER C 33 3.46 -4.73 21.97
CA SER C 33 4.26 -3.63 21.49
C SER C 33 3.36 -2.48 21.06
N PHE C 34 3.98 -1.32 20.96
CA PHE C 34 3.29 -0.14 20.45
C PHE C 34 4.26 0.87 19.87
N ARG C 35 3.71 1.78 19.08
CA ARG C 35 4.47 2.87 18.50
C ARG C 35 3.80 4.20 18.85
N VAL C 36 4.63 5.21 19.04
CA VAL C 36 4.17 6.55 19.33
C VAL C 36 4.91 7.58 18.50
N THR C 37 4.35 8.79 18.45
CA THR C 37 5.02 9.90 17.79
C THR C 37 6.36 10.22 18.44
N ARG C 38 7.29 10.74 17.63
CA ARG C 38 8.63 11.08 18.10
C ARG C 38 8.75 12.58 18.32
N PRO C 39 9.30 13.00 19.45
CA PRO C 39 9.62 14.42 19.62
C PRO C 39 10.56 14.82 18.50
N GLN C 40 10.26 15.94 17.88
CA GLN C 40 11.02 16.48 16.75
C GLN C 40 12.52 16.69 17.01
N THR C 41 12.92 16.97 18.26
CA THR C 41 14.34 17.23 18.53
C THR C 41 15.10 16.01 19.10
N LEU C 42 14.38 14.93 19.36
CA LEU C 42 14.96 13.67 19.84
C LEU C 42 16.02 13.14 18.88
N ARG C 43 17.22 12.95 19.43
CA ARG C 43 18.32 12.25 18.77
C ARG C 43 18.80 11.19 19.74
N PHE C 44 18.98 9.99 19.21
CA PHE C 44 19.41 8.87 20.01
C PHE C 44 20.20 7.90 19.16
N ARG C 45 20.91 7.02 19.86
CA ARG C 45 21.64 5.97 19.24
C ARG C 45 20.88 4.68 19.53
N SER C 46 20.73 3.87 18.49
CA SER C 46 20.09 2.56 18.60
C SER C 46 20.68 1.76 19.77
N GLY C 47 19.83 1.28 20.66
CA GLY C 47 20.27 0.53 21.84
C GLY C 47 19.98 1.29 23.13
N GLU C 48 19.77 2.60 23.01
CA GLU C 48 19.50 3.45 24.16
C GLU C 48 18.09 3.32 24.69
N PHE C 49 17.91 3.71 25.95
CA PHE C 49 16.58 3.74 26.59
C PHE C 49 16.18 5.13 27.04
N VAL C 50 14.88 5.33 27.24
CA VAL C 50 14.33 6.54 27.86
C VAL C 50 13.29 6.22 28.95
N MET C 51 12.91 7.22 29.74
CA MET C 51 11.82 7.08 30.69
C MET C 51 10.49 7.37 30.00
N ILE C 52 9.51 6.46 30.15
CA ILE C 52 8.13 6.72 29.73
C ILE C 52 7.21 6.55 30.92
N GLY C 53 5.96 6.97 30.79
CA GLY C 53 5.03 6.80 31.87
C GLY C 53 3.59 7.18 31.56
N LEU C 54 2.77 6.99 32.58
CA LEU C 54 1.38 7.41 32.60
C LEU C 54 1.09 8.03 33.95
N LEU C 55 -0.02 8.75 34.08
CA LEU C 55 -0.43 9.30 35.37
C LEU C 55 -1.19 8.28 36.19
N ASP C 56 -0.97 8.27 37.50
CA ASP C 56 -1.70 7.41 38.41
C ASP C 56 -3.05 8.06 38.77
N ASP C 57 -3.78 7.44 39.69
CA ASP C 57 -5.12 7.90 40.07
C ASP C 57 -5.12 9.24 40.81
N ASN C 58 -3.96 9.68 41.27
CA ASN C 58 -3.80 10.96 41.95
C ASN C 58 -3.18 12.02 41.06
N GLY C 59 -2.96 11.71 39.78
CA GLY C 59 -2.39 12.66 38.85
C GLY C 59 -0.87 12.75 38.91
N LYS C 60 -0.25 11.83 39.64
CA LYS C 60 1.21 11.75 39.75
C LYS C 60 1.80 10.81 38.67
N PRO C 61 2.93 11.16 38.09
CA PRO C 61 3.52 10.31 37.04
C PRO C 61 4.01 8.97 37.59
N ILE C 62 3.85 7.92 36.79
CA ILE C 62 4.43 6.61 37.05
C ILE C 62 5.45 6.43 35.94
N MET C 63 6.73 6.56 36.27
CA MET C 63 7.78 6.53 35.27
C MET C 63 8.58 5.24 35.32
N ARG C 64 8.92 4.72 34.14
CA ARG C 64 9.69 3.48 33.98
C ARG C 64 10.64 3.59 32.78
N ALA C 65 11.85 3.03 32.91
CA ALA C 65 12.77 2.94 31.79
C ALA C 65 12.32 1.91 30.75
N TYR C 66 12.39 2.27 29.47
CA TYR C 66 12.10 1.38 28.35
C TYR C 66 13.14 1.56 27.26
N SER C 67 13.71 0.48 26.73
CA SER C 67 14.54 0.58 25.54
C SER C 67 13.69 1.04 24.39
N ILE C 68 14.25 1.87 23.52
CA ILE C 68 13.56 2.21 22.31
C ILE C 68 13.85 1.05 21.37
N ALA C 69 12.78 0.41 20.93
CA ALA C 69 12.80 -0.82 20.14
C ALA C 69 12.90 -0.55 18.65
N SER C 70 12.71 0.72 18.26
CA SER C 70 12.85 1.16 16.85
C SER C 70 14.27 1.68 16.66
N PRO C 71 14.83 1.53 15.46
CA PRO C 71 16.15 2.07 15.17
C PRO C 71 16.12 3.61 15.10
N ALA C 72 17.29 4.24 15.27
CA ALA C 72 17.45 5.70 15.27
C ALA C 72 16.88 6.41 14.02
N TRP C 73 16.85 5.75 12.86
CA TRP C 73 16.30 6.39 11.65
C TRP C 73 14.77 6.46 11.59
N ASP C 74 14.09 5.63 12.38
CA ASP C 74 12.63 5.46 12.31
C ASP C 74 11.93 6.71 12.83
N GLU C 75 10.92 7.18 12.10
CA GLU C 75 10.22 8.44 12.39
C GLU C 75 9.21 8.33 13.53
N GLU C 76 8.87 7.10 13.92
CA GLU C 76 8.12 6.86 15.13
C GLU C 76 8.98 6.04 16.09
N LEU C 77 8.58 6.02 17.36
CA LEU C 77 9.29 5.28 18.40
C LEU C 77 8.47 4.05 18.77
N GLU C 78 9.13 2.89 18.77
CA GLU C 78 8.48 1.63 19.13
C GLU C 78 8.96 1.21 20.50
N PHE C 79 8.07 0.54 21.22
CA PHE C 79 8.34 -0.08 22.51
C PHE C 79 7.76 -1.51 22.56
N TYR C 80 8.51 -2.39 23.23
CA TYR C 80 8.11 -3.77 23.48
C TYR C 80 8.00 -3.93 24.98
N SER C 81 6.79 -4.28 25.44
CA SER C 81 6.47 -4.21 26.85
C SER C 81 5.92 -5.50 27.43
N ILE C 82 6.33 -5.75 28.66
CA ILE C 82 5.70 -6.75 29.53
C ILE C 82 4.33 -6.25 29.97
N LYS C 83 3.49 -7.18 30.40
CA LYS C 83 2.22 -6.89 31.09
C LYS C 83 2.30 -7.55 32.46
N VAL C 84 2.47 -6.74 33.50
CA VAL C 84 2.47 -7.23 34.86
C VAL C 84 1.08 -7.03 35.44
N PRO C 85 0.42 -8.10 35.89
CA PRO C 85 -0.86 -7.91 36.55
C PRO C 85 -0.56 -7.17 37.86
N ASP C 86 -1.24 -6.06 38.09
CA ASP C 86 -0.96 -5.23 39.28
C ASP C 86 0.39 -4.47 39.24
N GLY C 87 1.07 -4.47 38.10
CA GLY C 87 2.20 -3.58 37.89
C GLY C 87 1.67 -2.16 37.71
N PRO C 88 2.11 -1.21 38.54
CA PRO C 88 1.58 0.16 38.45
C PRO C 88 1.55 0.76 37.03
N LEU C 89 2.61 0.62 36.23
CA LEU C 89 2.60 1.17 34.88
C LEU C 89 1.88 0.25 33.92
N THR C 90 2.27 -1.02 33.86
CA THR C 90 1.82 -1.88 32.76
C THR C 90 0.41 -2.42 32.96
N SER C 91 -0.10 -2.50 34.19
CA SER C 91 -1.51 -2.82 34.38
C SER C 91 -2.39 -1.81 33.64
N ARG C 92 -1.90 -0.57 33.53
CA ARG C 92 -2.57 0.50 32.79
C ARG C 92 -2.16 0.54 31.32
N LEU C 93 -0.85 0.43 31.06
CA LEU C 93 -0.31 0.67 29.72
C LEU C 93 -0.84 -0.39 28.75
N GLN C 94 -1.08 -1.60 29.25
CA GLN C 94 -1.58 -2.69 28.42
C GLN C 94 -2.91 -2.39 27.71
N HIS C 95 -3.69 -1.45 28.27
CA HIS C 95 -4.99 -1.07 27.71
C HIS C 95 -4.94 0.14 26.82
N ILE C 96 -3.75 0.65 26.52
CA ILE C 96 -3.66 1.88 25.75
C ILE C 96 -4.16 1.67 24.31
N LYS C 97 -4.70 2.74 23.75
CA LYS C 97 -5.32 2.72 22.42
C LYS C 97 -4.68 3.77 21.54
N VAL C 98 -4.76 3.60 20.24
CA VAL C 98 -4.37 4.59 19.28
C VAL C 98 -5.08 5.90 19.64
N GLY C 99 -4.34 7.02 19.56
CA GLY C 99 -4.86 8.33 19.87
C GLY C 99 -4.68 8.76 21.30
N GLU C 100 -4.45 7.81 22.20
CA GLU C 100 -4.12 8.11 23.59
C GLU C 100 -2.65 8.46 23.72
N GLN C 101 -2.25 8.98 24.89
CA GLN C 101 -0.92 9.55 25.03
C GLN C 101 -0.14 8.91 26.17
N ILE C 102 1.19 8.93 26.03
CA ILE C 102 2.10 8.55 27.10
C ILE C 102 3.01 9.74 27.39
N ILE C 103 3.61 9.75 28.58
CA ILE C 103 4.68 10.68 28.90
C ILE C 103 5.97 10.08 28.33
N LEU C 104 6.81 10.90 27.70
CA LEU C 104 8.09 10.40 27.19
C LEU C 104 9.14 11.44 27.39
N ARG C 105 10.12 11.10 28.20
CA ARG C 105 11.26 11.95 28.44
C ARG C 105 12.28 11.74 27.31
N PRO C 106 12.53 12.75 26.48
CA PRO C 106 13.49 12.64 25.36
C PRO C 106 14.97 12.82 25.80
N LYS C 107 15.42 11.94 26.69
CA LYS C 107 16.76 12.01 27.25
C LYS C 107 17.32 10.59 27.19
N PRO C 108 17.77 10.17 26.01
CA PRO C 108 18.21 8.78 25.86
C PRO C 108 19.54 8.52 26.54
N VAL C 109 19.72 7.32 27.09
CA VAL C 109 20.97 6.96 27.75
C VAL C 109 21.13 5.45 27.65
N GLY C 110 22.23 4.93 28.15
CA GLY C 110 22.45 3.50 28.17
C GLY C 110 23.75 3.09 27.53
N THR C 111 24.21 1.90 27.89
CA THR C 111 25.49 1.42 27.40
C THR C 111 25.38 0.38 26.30
N LEU C 112 24.17 -0.01 25.90
CA LEU C 112 24.00 -0.95 24.77
C LEU C 112 24.11 -0.20 23.45
N VAL C 113 25.29 0.36 23.18
CA VAL C 113 25.47 1.13 21.98
C VAL C 113 26.80 0.71 21.33
N ILE C 114 26.84 0.76 20.02
CA ILE C 114 28.02 0.36 19.24
C ILE C 114 29.29 1.13 19.60
N ASP C 115 29.14 2.42 19.93
CA ASP C 115 30.27 3.26 20.37
C ASP C 115 30.92 2.77 21.66
N ALA C 116 30.20 1.98 22.46
CA ALA C 116 30.69 1.50 23.75
C ALA C 116 31.49 0.20 23.65
N LEU C 117 31.77 -0.23 22.43
CA LEU C 117 32.55 -1.45 22.18
C LEU C 117 33.72 -1.11 21.28
N LEU C 118 34.82 -1.82 21.43
CA LEU C 118 35.90 -1.71 20.47
C LEU C 118 35.41 -2.20 19.11
N PRO C 119 35.91 -1.62 18.02
CA PRO C 119 35.57 -2.15 16.68
C PRO C 119 35.99 -3.61 16.57
N GLY C 120 35.25 -4.38 15.78
CA GLY C 120 35.48 -5.80 15.67
C GLY C 120 34.91 -6.31 14.36
N LYS C 121 34.75 -7.62 14.27
CA LYS C 121 34.25 -8.32 13.08
C LYS C 121 32.89 -8.95 13.29
N ARG C 122 32.59 -9.38 14.51
CA ARG C 122 31.30 -9.98 14.81
C ARG C 122 30.69 -9.39 16.04
N LEU C 123 29.39 -9.20 15.98
CA LEU C 123 28.64 -8.55 17.03
C LEU C 123 27.55 -9.50 17.49
N TRP C 124 27.53 -9.80 18.79
CA TRP C 124 26.58 -10.73 19.38
C TRP C 124 25.61 -9.94 20.25
N PHE C 125 24.34 -10.23 20.07
CA PHE C 125 23.28 -9.75 20.95
C PHE C 125 22.70 -10.91 21.74
N LEU C 126 22.72 -10.81 23.05
CA LEU C 126 22.41 -11.92 23.93
C LEU C 126 21.29 -11.48 24.84
N ALA C 127 20.10 -11.99 24.59
CA ALA C 127 18.93 -11.46 25.25
C ALA C 127 17.98 -12.53 25.75
N THR C 128 17.30 -12.21 26.85
CA THR C 128 16.16 -13.00 27.28
C THR C 128 14.90 -12.16 27.47
N GLY C 129 13.75 -12.71 27.12
CA GLY C 129 12.47 -12.06 27.31
C GLY C 129 12.41 -10.72 26.61
N THR C 130 11.92 -9.68 27.31
CA THR C 130 11.83 -8.34 26.71
C THR C 130 13.18 -7.71 26.52
N GLY C 131 14.24 -8.36 26.98
CA GLY C 131 15.60 -7.93 26.73
C GLY C 131 15.96 -7.88 25.26
N ILE C 132 15.12 -8.42 24.39
CA ILE C 132 15.35 -8.28 22.95
C ILE C 132 15.07 -6.85 22.48
N ALA C 133 14.30 -6.10 23.25
CA ALA C 133 13.95 -4.71 22.91
C ALA C 133 15.06 -3.82 22.35
N PRO C 134 16.19 -3.65 23.05
CA PRO C 134 17.28 -2.87 22.46
C PRO C 134 17.89 -3.49 21.18
N PHE C 135 17.69 -4.79 20.99
CA PHE C 135 18.16 -5.44 19.77
C PHE C 135 17.14 -5.45 18.61
N ALA C 136 15.86 -5.21 18.92
CA ALA C 136 14.89 -4.85 17.88
C ALA C 136 15.33 -3.52 17.19
N SER C 137 15.92 -2.62 17.96
CA SER C 137 16.45 -1.39 17.42
C SER C 137 17.75 -1.66 16.67
N LEU C 138 18.70 -2.30 17.33
CA LEU C 138 20.04 -2.50 16.77
C LEU C 138 20.06 -3.43 15.55
N MET C 139 19.18 -4.42 15.48
CA MET C 139 19.11 -5.29 14.29
C MET C 139 18.64 -4.54 13.05
N ARG C 140 18.00 -3.39 13.28
CA ARG C 140 17.51 -2.52 12.22
C ARG C 140 18.37 -1.26 12.08
N GLU C 141 19.56 -1.28 12.66
CA GLU C 141 20.52 -0.19 12.63
C GLU C 141 21.59 -0.40 11.55
N PRO C 142 21.63 0.46 10.53
CA PRO C 142 22.63 0.31 9.45
C PRO C 142 24.07 0.15 9.97
N GLU C 143 24.41 0.88 11.02
CA GLU C 143 25.75 0.85 11.61
C GLU C 143 26.20 -0.57 12.07
N ALA C 144 25.26 -1.38 12.52
CA ALA C 144 25.57 -2.76 12.90
C ALA C 144 26.13 -3.57 11.73
N TYR C 145 25.57 -3.35 10.54
CA TYR C 145 26.00 -4.06 9.33
C TYR C 145 27.16 -3.38 8.60
N GLU C 146 27.30 -2.06 8.79
CA GLU C 146 28.41 -1.31 8.20
C GLU C 146 29.73 -1.59 8.92
N LYS C 147 29.68 -1.83 10.23
CA LYS C 147 30.88 -1.96 11.05
C LYS C 147 31.21 -3.41 11.39
N PHE C 148 30.28 -4.32 11.15
CA PHE C 148 30.48 -5.74 11.43
C PHE C 148 30.13 -6.62 10.25
N ASP C 149 30.80 -7.77 10.17
CA ASP C 149 30.64 -8.74 9.08
C ASP C 149 29.60 -9.79 9.40
N GLU C 150 29.17 -9.82 10.65
CA GLU C 150 28.25 -10.84 11.13
C GLU C 150 27.61 -10.29 12.39
N VAL C 151 26.29 -10.40 12.49
CA VAL C 151 25.52 -10.01 13.67
C VAL C 151 24.70 -11.23 14.12
N ILE C 152 24.91 -11.69 15.35
CA ILE C 152 24.29 -12.91 15.90
C ILE C 152 23.28 -12.52 16.96
N MET C 153 22.04 -12.94 16.78
CA MET C 153 20.98 -12.64 17.74
C MET C 153 20.53 -13.91 18.43
N MET C 154 20.97 -14.12 19.66
CA MET C 154 20.48 -15.20 20.51
C MET C 154 19.40 -14.65 21.44
N HIS C 155 18.21 -15.22 21.33
CA HIS C 155 17.08 -14.83 22.16
C HIS C 155 16.49 -16.08 22.75
N ALA C 156 16.48 -16.15 24.06
CA ALA C 156 15.95 -17.26 24.80
C ALA C 156 14.78 -16.78 25.63
N CYS C 157 13.68 -17.52 25.52
CA CYS C 157 12.48 -17.33 26.30
C CYS C 157 11.96 -18.68 26.81
N ARG C 158 11.04 -18.63 27.76
CA ARG C 158 10.41 -19.85 28.27
C ARG C 158 9.53 -20.52 27.21
N THR C 159 8.75 -19.74 26.47
CA THR C 159 7.79 -20.30 25.52
C THR C 159 7.95 -19.75 24.12
N VAL C 160 7.41 -20.49 23.17
CA VAL C 160 7.50 -20.15 21.75
C VAL C 160 6.81 -18.82 21.42
N ALA C 161 5.65 -18.57 22.03
CA ALA C 161 4.89 -17.35 21.77
C ALA C 161 5.67 -16.09 22.16
N GLU C 162 6.54 -16.21 23.16
CA GLU C 162 7.35 -15.08 23.59
C GLU C 162 8.43 -14.67 22.59
N LEU C 163 8.76 -15.56 21.67
CA LEU C 163 9.71 -15.26 20.58
C LEU C 163 9.09 -14.58 19.37
N GLU C 164 7.76 -14.49 19.29
CA GLU C 164 7.14 -14.13 18.03
C GLU C 164 7.46 -12.71 17.55
N TYR C 165 7.44 -11.74 18.48
CA TYR C 165 7.72 -10.34 18.15
C TYR C 165 9.07 -10.28 17.42
N GLY C 166 10.10 -10.87 18.03
CA GLY C 166 11.43 -10.88 17.44
C GLY C 166 11.47 -11.69 16.16
N ARG C 167 10.77 -12.82 16.12
CA ARG C 167 10.78 -13.66 14.92
C ARG C 167 10.28 -12.89 13.69
N GLN C 168 9.20 -12.15 13.87
CA GLN C 168 8.58 -11.43 12.76
C GLN C 168 9.42 -10.26 12.29
N LEU C 169 10.09 -9.61 13.24
CA LEU C 169 11.04 -8.58 12.92
C LEU C 169 12.15 -9.12 12.02
N VAL C 170 12.78 -10.23 12.45
CA VAL C 170 13.88 -10.83 11.71
C VAL C 170 13.42 -11.35 10.34
N GLU C 171 12.24 -11.96 10.28
CA GLU C 171 11.72 -12.45 8.99
C GLU C 171 11.49 -11.30 8.02
N ALA C 172 10.90 -10.21 8.49
CA ALA C 172 10.65 -9.02 7.68
C ALA C 172 11.94 -8.47 7.09
N LEU C 173 13.00 -8.47 7.90
CA LEU C 173 14.30 -7.99 7.45
C LEU C 173 14.91 -8.87 6.38
N GLN C 174 14.84 -10.18 6.57
CA GLN C 174 15.58 -11.11 5.72
C GLN C 174 14.85 -11.34 4.41
N GLU C 175 13.53 -11.16 4.42
CA GLU C 175 12.69 -11.43 3.26
C GLU C 175 12.50 -10.19 2.38
N ASP C 176 12.77 -9.01 2.91
CA ASP C 176 12.68 -7.82 2.08
C ASP C 176 13.76 -7.83 0.98
N PRO C 177 13.37 -7.65 -0.29
CA PRO C 177 14.36 -7.67 -1.38
C PRO C 177 15.53 -6.68 -1.20
N LEU C 178 15.28 -5.42 -0.89
CA LEU C 178 16.37 -4.46 -0.69
C LEU C 178 17.21 -4.76 0.55
N ILE C 179 16.57 -4.87 1.71
CA ILE C 179 17.27 -5.06 2.99
C ILE C 179 18.13 -6.32 2.98
N GLY C 180 17.59 -7.43 2.46
CA GLY C 180 18.36 -8.64 2.24
C GLY C 180 19.65 -8.41 1.48
N GLU C 181 19.56 -7.66 0.38
CA GLU C 181 20.75 -7.30 -0.40
C GLU C 181 21.77 -6.53 0.47
N LEU C 182 21.29 -5.52 1.19
CA LEU C 182 22.16 -4.68 2.01
C LEU C 182 22.77 -5.44 3.20
N VAL C 183 22.01 -6.40 3.73
CA VAL C 183 22.40 -7.12 4.93
C VAL C 183 23.35 -8.25 4.54
N GLU C 184 23.14 -8.80 3.35
CA GLU C 184 24.01 -9.83 2.74
C GLU C 184 24.36 -11.01 3.63
N GLY C 185 23.34 -11.69 4.15
CA GLY C 185 23.54 -12.88 4.97
C GLY C 185 24.21 -12.68 6.34
N LYS C 186 24.38 -11.42 6.76
CA LYS C 186 25.14 -11.10 7.97
C LYS C 186 24.39 -11.41 9.29
N LEU C 187 23.07 -11.29 9.27
CA LEU C 187 22.24 -11.54 10.44
C LEU C 187 21.93 -13.03 10.64
N LYS C 188 22.39 -13.57 11.77
CA LYS C 188 22.15 -14.96 12.17
C LYS C 188 21.24 -14.98 13.40
N TYR C 189 20.06 -15.55 13.25
CA TYR C 189 19.05 -15.52 14.28
C TYR C 189 18.98 -16.89 14.96
N TYR C 190 19.06 -16.90 16.30
CA TYR C 190 19.10 -18.16 17.07
C TYR C 190 18.16 -18.04 18.23
N PRO C 191 16.87 -18.20 17.96
CA PRO C 191 15.87 -18.25 19.02
C PRO C 191 15.88 -19.60 19.74
N THR C 192 15.72 -19.61 21.06
CA THR C 192 15.48 -20.84 21.81
C THR C 192 14.38 -20.69 22.85
N THR C 193 13.80 -21.82 23.24
CA THR C 193 12.96 -21.89 24.41
C THR C 193 13.64 -22.71 25.51
N THR C 194 13.23 -22.51 26.75
CA THR C 194 13.75 -23.30 27.88
C THR C 194 12.70 -24.20 28.55
N ARG C 195 11.42 -24.00 28.26
CA ARG C 195 10.39 -24.86 28.85
C ARG C 195 9.67 -25.64 27.75
N GLU C 196 9.00 -24.91 26.86
CA GLU C 196 8.18 -25.50 25.80
C GLU C 196 9.03 -26.13 24.68
N GLU C 197 8.49 -27.16 24.04
CA GLU C 197 9.17 -27.84 22.95
C GLU C 197 9.31 -26.91 21.75
N PHE C 198 10.50 -26.94 21.16
CA PHE C 198 10.90 -26.08 20.06
C PHE C 198 12.14 -26.73 19.46
N HIS C 199 12.40 -26.50 18.18
CA HIS C 199 13.47 -27.22 17.50
C HIS C 199 14.83 -26.90 18.11
N HIS C 200 14.98 -25.68 18.64
CA HIS C 200 16.19 -25.31 19.37
C HIS C 200 15.85 -24.89 20.80
N MET C 201 16.53 -25.49 21.77
CA MET C 201 16.27 -25.21 23.17
C MET C 201 17.55 -24.85 23.93
N GLY C 202 17.34 -24.32 25.13
CA GLY C 202 18.41 -24.11 26.09
C GLY C 202 18.75 -22.65 26.34
N ARG C 203 19.35 -22.42 27.51
CA ARG C 203 19.81 -21.11 27.90
C ARG C 203 20.96 -20.66 27.03
N ILE C 204 21.07 -19.35 26.87
CA ILE C 204 22.17 -18.73 26.13
C ILE C 204 23.51 -19.06 26.79
N THR C 205 23.57 -19.01 28.11
CA THR C 205 24.80 -19.36 28.80
C THR C 205 25.25 -20.78 28.46
N ASP C 206 24.32 -21.73 28.56
CA ASP C 206 24.65 -23.12 28.35
C ASP C 206 25.05 -23.37 26.89
N ASN C 207 24.35 -22.73 25.95
CA ASN C 207 24.55 -23.02 24.52
C ASN C 207 25.80 -22.31 23.99
N LEU C 208 26.21 -21.23 24.65
CA LEU C 208 27.45 -20.55 24.29
C LEU C 208 28.66 -21.28 24.88
N ALA C 209 28.52 -21.71 26.14
CA ALA C 209 29.59 -22.41 26.85
C ALA C 209 29.88 -23.77 26.24
N SER C 210 28.83 -24.49 25.85
CA SER C 210 29.00 -25.83 25.28
C SER C 210 29.46 -25.79 23.84
N GLY C 211 29.20 -24.67 23.14
CA GLY C 211 29.51 -24.55 21.73
C GLY C 211 28.42 -25.06 20.81
N LYS C 212 27.27 -25.42 21.38
CA LYS C 212 26.12 -25.89 20.62
C LYS C 212 25.72 -24.85 19.59
N VAL C 213 25.73 -23.57 19.98
CA VAL C 213 25.32 -22.49 19.09
C VAL C 213 26.24 -22.38 17.86
N PHE C 214 27.52 -22.63 18.04
CA PHE C 214 28.49 -22.59 16.94
C PHE C 214 28.16 -23.63 15.89
N GLU C 215 27.94 -24.87 16.32
CA GLU C 215 27.52 -25.95 15.43
C GLU C 215 26.16 -25.68 14.78
N ASP C 216 25.21 -25.21 15.56
CA ASP C 216 23.84 -25.02 15.04
C ASP C 216 23.82 -23.96 13.94
N LEU C 217 24.52 -22.85 14.15
CA LEU C 217 24.58 -21.75 13.18
C LEU C 217 25.65 -21.92 12.10
N GLY C 218 26.57 -22.86 12.29
CA GLY C 218 27.65 -23.09 11.35
C GLY C 218 28.67 -21.98 11.33
N ILE C 219 29.05 -21.50 12.51
CA ILE C 219 30.02 -20.41 12.64
C ILE C 219 31.16 -20.75 13.56
N ALA C 220 32.26 -20.00 13.39
CA ALA C 220 33.43 -20.04 14.21
C ALA C 220 33.10 -19.78 15.67
N PRO C 221 33.81 -20.45 16.58
CA PRO C 221 33.61 -20.19 18.02
C PRO C 221 33.95 -18.74 18.42
N MET C 222 33.35 -18.31 19.52
CA MET C 222 33.58 -16.99 20.08
C MET C 222 35.08 -16.77 20.24
N ASN C 223 35.50 -15.54 19.92
CA ASN C 223 36.91 -15.18 19.77
C ASN C 223 37.09 -13.73 20.24
N PRO C 224 37.92 -13.52 21.25
CA PRO C 224 38.09 -12.20 21.85
C PRO C 224 38.74 -11.20 20.92
N GLU C 225 39.51 -11.67 19.94
CA GLU C 225 40.11 -10.81 18.91
C GLU C 225 39.09 -10.06 18.05
N THR C 226 38.03 -10.77 17.64
CA THR C 226 37.09 -10.29 16.66
C THR C 226 35.69 -10.06 17.20
N ASP C 227 35.31 -10.69 18.30
CA ASP C 227 33.91 -10.61 18.77
C ASP C 227 33.62 -9.55 19.81
N ARG C 228 32.44 -8.95 19.67
CA ARG C 228 31.96 -7.93 20.58
C ARG C 228 30.55 -8.36 20.96
N ALA C 229 30.13 -8.17 22.21
CA ALA C 229 28.77 -8.59 22.56
C ALA C 229 28.04 -7.59 23.44
N MET C 230 26.72 -7.68 23.40
CA MET C 230 25.84 -6.88 24.26
C MET C 230 24.89 -7.85 24.94
N VAL C 231 24.66 -7.64 26.24
CA VAL C 231 23.92 -8.56 27.08
C VAL C 231 22.75 -7.80 27.71
N CYS C 232 21.56 -8.33 27.54
CA CYS C 232 20.39 -7.70 28.13
C CYS C 232 19.41 -8.74 28.64
N GLY C 233 19.35 -8.88 29.95
CA GLY C 233 18.35 -9.72 30.61
C GLY C 233 18.23 -9.42 32.09
N SER C 234 17.68 -10.37 32.84
CA SER C 234 17.63 -10.21 34.29
C SER C 234 19.05 -10.08 34.83
N LEU C 235 19.17 -9.59 36.05
CA LEU C 235 20.45 -9.51 36.74
C LEU C 235 21.15 -10.87 36.76
N ALA C 236 20.42 -11.91 37.15
CA ALA C 236 20.96 -13.28 37.22
C ALA C 236 21.49 -13.77 35.87
N PHE C 237 20.74 -13.50 34.80
CA PHE C 237 21.16 -13.80 33.42
C PHE C 237 22.44 -13.03 33.09
N ASN C 238 22.47 -11.74 33.38
CA ASN C 238 23.61 -10.91 33.04
C ASN C 238 24.87 -11.44 33.73
N VAL C 239 24.76 -11.75 35.01
CA VAL C 239 25.87 -12.28 35.81
C VAL C 239 26.43 -13.57 35.21
N ASP C 240 25.54 -14.48 34.83
CA ASP C 240 25.99 -15.75 34.28
C ASP C 240 26.59 -15.63 32.87
N VAL C 241 26.01 -14.77 32.04
CA VAL C 241 26.53 -14.53 30.70
C VAL C 241 27.91 -13.89 30.76
N MET C 242 28.11 -12.97 31.70
CA MET C 242 29.40 -12.31 31.85
C MET C 242 30.51 -13.33 32.03
N LYS C 243 30.27 -14.29 32.91
CA LYS C 243 31.23 -15.37 33.18
C LYS C 243 31.55 -16.20 31.92
N VAL C 244 30.53 -16.51 31.12
CA VAL C 244 30.77 -17.26 29.89
C VAL C 244 31.61 -16.44 28.92
N LEU C 245 31.26 -15.17 28.75
CA LEU C 245 32.02 -14.29 27.85
C LEU C 245 33.48 -14.19 28.29
N GLU C 246 33.68 -14.02 29.59
CA GLU C 246 35.00 -13.92 30.16
C GLU C 246 35.81 -15.20 29.98
N SER C 247 35.13 -16.35 29.96
CA SER C 247 35.79 -17.63 29.72
C SER C 247 36.39 -17.72 28.31
N TYR C 248 35.79 -16.99 27.36
CA TYR C 248 36.34 -16.89 26.00
C TYR C 248 37.36 -15.75 25.85
N GLY C 249 37.58 -14.99 26.93
CA GLY C 249 38.60 -13.98 26.99
C GLY C 249 38.09 -12.58 26.68
N LEU C 250 36.78 -12.42 26.53
CA LEU C 250 36.15 -11.11 26.32
C LEU C 250 36.09 -10.36 27.65
N ARG C 251 36.35 -9.05 27.61
CA ARG C 251 36.33 -8.20 28.82
C ARG C 251 35.19 -7.17 28.75
N GLU C 252 34.60 -6.89 29.91
CA GLU C 252 33.59 -5.83 30.02
C GLU C 252 34.21 -4.43 29.91
N GLY C 253 33.50 -3.56 29.21
CA GLY C 253 33.83 -2.15 29.16
C GLY C 253 32.58 -1.29 29.05
N ALA C 254 32.75 -0.08 28.51
CA ALA C 254 31.67 0.88 28.26
C ALA C 254 32.19 2.10 27.48
N ASN C 255 31.40 3.18 27.43
CA ASN C 255 31.75 4.39 26.68
C ASN C 255 33.16 4.94 27.03
N SER C 256 33.46 5.00 28.32
CA SER C 256 34.75 5.53 28.84
C SER C 256 35.98 4.73 28.39
N GLU C 257 35.93 3.41 28.58
CA GLU C 257 37.00 2.51 28.14
C GLU C 257 36.37 1.28 27.48
N PRO C 258 36.06 1.39 26.20
CA PRO C 258 35.42 0.30 25.48
C PRO C 258 36.30 -0.93 25.47
N ARG C 259 35.69 -2.09 25.62
CA ARG C 259 36.39 -3.35 25.47
C ARG C 259 35.53 -4.25 24.57
N GLU C 260 35.28 -5.50 24.96
CA GLU C 260 34.61 -6.47 24.09
C GLU C 260 33.14 -6.72 24.41
N PHE C 261 32.67 -6.32 25.60
CA PHE C 261 31.24 -6.44 25.85
C PHE C 261 30.64 -5.40 26.79
N VAL C 262 29.32 -5.28 26.70
CA VAL C 262 28.55 -4.37 27.54
C VAL C 262 27.29 -5.06 28.04
N VAL C 263 26.77 -4.62 29.18
CA VAL C 263 25.60 -5.24 29.80
C VAL C 263 24.61 -4.18 30.31
N GLU C 264 23.33 -4.54 30.27
CA GLU C 264 22.28 -3.71 30.82
C GLU C 264 21.16 -4.60 31.33
N LYS C 265 20.52 -4.21 32.42
CA LYS C 265 19.39 -4.95 32.93
C LYS C 265 18.14 -4.70 32.11
N ALA C 266 17.46 -5.78 31.71
CA ALA C 266 16.19 -5.74 30.99
C ALA C 266 15.06 -5.26 31.91
N PHE C 267 15.27 -5.45 33.20
CA PHE C 267 14.36 -4.99 34.26
C PHE C 267 15.07 -5.18 35.62
N VAL C 268 14.54 -4.54 36.66
CA VAL C 268 15.07 -4.64 38.01
C VAL C 268 14.14 -5.62 38.73
N GLY C 269 14.75 -6.57 39.44
CA GLY C 269 14.00 -7.62 40.12
C GLY C 269 14.21 -9.04 39.59
N GLU C 270 13.35 -9.94 40.09
CA GLU C 270 13.38 -11.37 39.76
C GLU C 270 12.73 -11.69 38.41
N GLY C 271 11.71 -10.91 38.05
CA GLY C 271 11.03 -11.06 36.77
C GLY C 271 9.74 -11.84 36.86
N ILE C 272 8.82 -11.55 35.95
CA ILE C 272 7.58 -12.32 35.83
C ILE C 272 7.78 -13.42 34.82
N PRO D 16 7.98 -18.88 -25.46
CA PRO D 16 9.47 -18.87 -25.27
C PRO D 16 9.91 -17.72 -24.38
N ASP D 17 10.65 -18.02 -23.30
CA ASP D 17 11.16 -16.94 -22.46
C ASP D 17 10.02 -16.04 -21.98
N ALA D 18 8.89 -16.64 -21.64
CA ALA D 18 7.70 -15.87 -21.25
C ALA D 18 7.81 -15.40 -19.80
N GLN D 19 7.42 -14.16 -19.54
CA GLN D 19 7.28 -13.63 -18.18
C GLN D 19 5.91 -12.98 -18.06
N THR D 20 5.39 -12.92 -16.84
CA THR D 20 4.01 -12.51 -16.59
C THR D 20 3.94 -11.13 -15.98
N VAL D 21 3.02 -10.32 -16.49
CA VAL D 21 2.83 -8.95 -16.00
C VAL D 21 2.18 -8.99 -14.63
N THR D 22 2.78 -8.31 -13.65
CA THR D 22 2.24 -8.24 -12.28
C THR D 22 1.61 -6.90 -11.95
N SER D 23 1.98 -5.86 -12.70
CA SER D 23 1.34 -4.55 -12.55
C SER D 23 1.59 -3.66 -13.77
N VAL D 24 0.69 -2.69 -13.94
CA VAL D 24 0.72 -1.76 -15.06
C VAL D 24 0.28 -0.39 -14.58
N ARG D 25 1.02 0.64 -14.97
CA ARG D 25 0.67 2.01 -14.64
C ARG D 25 0.80 2.93 -15.85
N HIS D 26 -0.30 3.59 -16.19
CA HIS D 26 -0.33 4.57 -17.28
C HIS D 26 -0.06 5.96 -16.73
N TRP D 27 0.90 6.65 -17.34
CA TRP D 27 1.29 7.98 -16.91
C TRP D 27 0.63 9.04 -17.79
N THR D 28 0.69 8.84 -19.10
CA THR D 28 -0.06 9.63 -20.07
C THR D 28 -0.50 8.68 -21.17
N ASP D 29 -1.14 9.21 -22.20
CA ASP D 29 -1.53 8.37 -23.32
C ASP D 29 -0.31 7.91 -24.14
N THR D 30 0.85 8.53 -23.94
CA THR D 30 2.07 8.12 -24.65
C THR D 30 3.19 7.53 -23.76
N LEU D 31 2.91 7.34 -22.47
CA LEU D 31 3.87 6.78 -21.53
C LEU D 31 3.20 5.86 -20.54
N PHE D 32 3.75 4.66 -20.38
CA PHE D 32 3.31 3.73 -19.34
C PHE D 32 4.47 2.92 -18.80
N SER D 33 4.34 2.44 -17.56
CA SER D 33 5.31 1.51 -17.01
C SER D 33 4.60 0.22 -16.65
N PHE D 34 5.39 -0.81 -16.44
CA PHE D 34 4.83 -2.08 -16.00
C PHE D 34 5.93 -2.93 -15.41
N ARG D 35 5.50 -3.96 -14.69
CA ARG D 35 6.42 -4.89 -14.07
C ARG D 35 6.05 -6.33 -14.42
N VAL D 36 7.07 -7.17 -14.55
CA VAL D 36 6.89 -8.57 -14.85
C VAL D 36 7.74 -9.44 -13.94
N THR D 37 7.39 -10.72 -13.89
CA THR D 37 8.19 -11.70 -13.18
C THR D 37 9.60 -11.79 -13.76
N ARG D 38 10.54 -12.14 -12.89
CA ARG D 38 11.94 -12.21 -13.26
C ARG D 38 12.36 -13.65 -13.38
N PRO D 39 13.07 -14.00 -14.45
CA PRO D 39 13.65 -15.34 -14.55
C PRO D 39 14.59 -15.55 -13.37
N GLN D 40 14.43 -16.68 -12.68
CA GLN D 40 15.21 -17.03 -11.50
C GLN D 40 16.74 -16.94 -11.68
N THR D 41 17.23 -17.22 -12.87
CA THR D 41 18.68 -17.20 -13.12
C THR D 41 19.19 -15.88 -13.71
N LEU D 42 18.30 -14.93 -13.99
CA LEU D 42 18.72 -13.64 -14.52
C LEU D 42 19.56 -12.88 -13.51
N ARG D 43 20.77 -12.52 -13.91
CA ARG D 43 21.64 -11.63 -13.15
C ARG D 43 21.98 -10.46 -14.06
N PHE D 44 21.81 -9.24 -13.56
CA PHE D 44 22.22 -8.07 -14.31
C PHE D 44 22.77 -6.97 -13.43
N ARG D 45 23.37 -5.97 -14.08
CA ARG D 45 23.88 -4.78 -13.43
C ARG D 45 22.93 -3.63 -13.76
N SER D 46 22.57 -2.88 -12.75
CA SER D 46 21.66 -1.75 -12.93
C SER D 46 22.17 -0.86 -14.05
N GLY D 47 21.28 -0.53 -14.97
CA GLY D 47 21.61 0.27 -16.13
C GLY D 47 21.56 -0.48 -17.45
N GLU D 48 21.63 -1.82 -17.38
CA GLU D 48 21.63 -2.67 -18.56
C GLU D 48 20.24 -2.80 -19.20
N PHE D 49 20.23 -3.20 -20.47
CA PHE D 49 19.01 -3.44 -21.25
C PHE D 49 18.91 -4.89 -21.72
N VAL D 50 17.68 -5.32 -22.01
CA VAL D 50 17.40 -6.62 -22.59
C VAL D 50 16.43 -6.47 -23.77
N MET D 51 16.28 -7.51 -24.55
CA MET D 51 15.25 -7.56 -25.59
C MET D 51 13.93 -8.09 -24.99
N ILE D 52 12.84 -7.36 -25.19
CA ILE D 52 11.50 -7.88 -24.89
C ILE D 52 10.64 -7.86 -26.15
N GLY D 53 9.48 -8.48 -26.11
CA GLY D 53 8.63 -8.46 -27.27
C GLY D 53 7.26 -9.12 -27.10
N LEU D 54 6.51 -9.09 -28.17
CA LEU D 54 5.22 -9.78 -28.25
C LEU D 54 5.15 -10.44 -29.60
N LEU D 55 4.22 -11.37 -29.79
CA LEU D 55 3.96 -11.99 -31.09
C LEU D 55 3.02 -11.13 -31.90
N ASP D 56 3.29 -10.98 -33.20
CA ASP D 56 2.40 -10.24 -34.10
C ASP D 56 1.22 -11.14 -34.52
N ASP D 57 0.41 -10.65 -35.45
CA ASP D 57 -0.80 -11.34 -35.93
C ASP D 57 -0.53 -12.69 -36.61
N ASN D 58 0.69 -12.86 -37.13
CA ASN D 58 1.10 -14.08 -37.82
C ASN D 58 1.98 -14.99 -36.96
N GLY D 59 2.07 -14.68 -35.67
CA GLY D 59 2.84 -15.49 -34.74
C GLY D 59 4.34 -15.25 -34.82
N LYS D 60 4.77 -14.20 -35.52
CA LYS D 60 6.18 -13.80 -35.57
C LYS D 60 6.52 -12.82 -34.42
N PRO D 61 7.68 -13.01 -33.80
CA PRO D 61 8.11 -12.13 -32.71
C PRO D 61 8.36 -10.69 -33.16
N ILE D 62 7.92 -9.74 -32.34
CA ILE D 62 8.28 -8.33 -32.49
C ILE D 62 9.16 -8.01 -31.30
N MET D 63 10.47 -7.87 -31.52
CA MET D 63 11.44 -7.69 -30.45
C MET D 63 11.99 -6.27 -30.42
N ARG D 64 12.10 -5.69 -29.23
CA ARG D 64 12.67 -4.36 -29.03
C ARG D 64 13.56 -4.33 -27.80
N ALA D 65 14.65 -3.56 -27.85
CA ALA D 65 15.48 -3.35 -26.67
C ALA D 65 14.77 -2.42 -25.69
N TYR D 66 14.87 -2.73 -24.40
CA TYR D 66 14.32 -1.93 -23.31
C TYR D 66 15.29 -1.94 -22.15
N SER D 67 15.58 -0.76 -21.62
CA SER D 67 16.36 -0.69 -20.38
C SER D 67 15.53 -1.32 -19.26
N ILE D 68 16.15 -2.15 -18.42
CA ILE D 68 15.45 -2.55 -17.20
C ILE D 68 15.39 -1.35 -16.25
N ALA D 69 14.19 -0.89 -15.94
CA ALA D 69 13.98 0.32 -15.14
C ALA D 69 14.03 0.08 -13.62
N SER D 70 14.07 -1.18 -13.20
CA SER D 70 14.18 -1.57 -11.81
C SER D 70 15.64 -1.87 -11.49
N PRO D 71 16.07 -1.64 -10.25
CA PRO D 71 17.43 -1.97 -9.85
C PRO D 71 17.65 -3.49 -9.77
N ALA D 72 18.91 -3.90 -9.87
CA ALA D 72 19.30 -5.32 -9.84
C ALA D 72 18.77 -6.12 -8.64
N TRP D 73 18.62 -5.48 -7.48
CA TRP D 73 18.10 -6.18 -6.29
C TRP D 73 16.59 -6.51 -6.36
N ASP D 74 15.86 -5.78 -7.18
CA ASP D 74 14.40 -5.91 -7.29
C ASP D 74 14.01 -7.30 -7.83
N GLU D 75 13.11 -7.98 -7.13
CA GLU D 75 12.68 -9.33 -7.49
C GLU D 75 11.70 -9.37 -8.68
N GLU D 76 11.21 -8.22 -9.10
CA GLU D 76 10.50 -8.09 -10.37
C GLU D 76 11.28 -7.14 -11.28
N LEU D 77 10.98 -7.20 -12.57
CA LEU D 77 11.60 -6.32 -13.56
C LEU D 77 10.60 -5.27 -14.00
N GLU D 78 11.05 -4.02 -13.99
CA GLU D 78 10.21 -2.88 -14.36
C GLU D 78 10.68 -2.33 -15.68
N PHE D 79 9.72 -1.85 -16.46
CA PHE D 79 9.96 -1.20 -17.72
C PHE D 79 9.17 0.12 -17.82
N TYR D 80 9.78 1.10 -18.46
CA TYR D 80 9.14 2.40 -18.73
C TYR D 80 9.07 2.56 -20.24
N SER D 81 7.86 2.68 -20.78
CA SER D 81 7.65 2.56 -22.21
C SER D 81 6.96 3.74 -22.84
N ILE D 82 7.40 4.07 -24.04
CA ILE D 82 6.68 4.96 -24.92
C ILE D 82 5.44 4.23 -25.47
N LYS D 83 4.46 5.00 -25.93
CA LYS D 83 3.36 4.45 -26.73
C LYS D 83 3.36 5.17 -28.06
N VAL D 84 3.69 4.44 -29.13
CA VAL D 84 3.73 4.99 -30.46
C VAL D 84 2.46 4.51 -31.13
N PRO D 85 1.63 5.44 -31.60
CA PRO D 85 0.46 5.02 -32.39
C PRO D 85 1.03 4.42 -33.67
N ASP D 86 0.60 3.21 -34.00
CA ASP D 86 1.13 2.48 -35.17
C ASP D 86 2.56 1.94 -35.00
N GLY D 87 3.12 2.05 -33.80
CA GLY D 87 4.37 1.37 -33.48
C GLY D 87 4.09 -0.13 -33.36
N PRO D 88 4.77 -0.98 -34.14
CA PRO D 88 4.48 -2.43 -34.11
C PRO D 88 4.43 -3.05 -32.70
N LEU D 89 5.41 -2.74 -31.84
CA LEU D 89 5.41 -3.31 -30.51
C LEU D 89 4.49 -2.54 -29.57
N THR D 90 4.65 -1.22 -29.49
CA THR D 90 3.99 -0.45 -28.44
C THR D 90 2.48 -0.20 -28.68
N SER D 91 2.03 -0.21 -29.93
CA SER D 91 0.58 -0.13 -30.21
C SER D 91 -0.12 -1.31 -29.55
N ARG D 92 0.57 -2.45 -29.46
CA ARG D 92 0.09 -3.63 -28.75
C ARG D 92 0.39 -3.62 -27.24
N LEU D 93 1.63 -3.27 -26.87
CA LEU D 93 2.08 -3.40 -25.49
C LEU D 93 1.32 -2.48 -24.56
N GLN D 94 0.82 -1.36 -25.06
CA GLN D 94 0.01 -0.41 -24.25
C GLN D 94 -1.26 -1.04 -23.63
N HIS D 95 -1.81 -2.05 -24.29
CA HIS D 95 -3.03 -2.73 -23.84
C HIS D 95 -2.76 -3.92 -22.92
N ILE D 96 -1.51 -4.13 -22.52
CA ILE D 96 -1.18 -5.29 -21.74
C ILE D 96 -1.86 -5.23 -20.37
N LYS D 97 -2.26 -6.37 -19.86
CA LYS D 97 -2.96 -6.44 -18.57
C LYS D 97 -2.20 -7.38 -17.62
N VAL D 98 -2.40 -7.17 -16.31
CA VAL D 98 -1.92 -8.11 -15.31
C VAL D 98 -2.36 -9.53 -15.73
N GLY D 99 -1.43 -10.47 -15.66
CA GLY D 99 -1.73 -11.87 -15.94
C GLY D 99 -1.32 -12.28 -17.35
N GLU D 100 -1.18 -11.31 -18.25
CA GLU D 100 -0.70 -11.57 -19.61
C GLU D 100 0.82 -11.67 -19.64
N GLN D 101 1.36 -12.16 -20.74
CA GLN D 101 2.79 -12.45 -20.82
C GLN D 101 3.50 -11.64 -21.90
N ILE D 102 4.79 -11.40 -21.69
CA ILE D 102 5.65 -10.83 -22.73
C ILE D 102 6.80 -11.80 -22.99
N ILE D 103 7.47 -11.64 -24.11
CA ILE D 103 8.74 -12.34 -24.34
C ILE D 103 9.83 -11.50 -23.70
N LEU D 104 10.74 -12.15 -22.99
CA LEU D 104 11.87 -11.48 -22.36
C LEU D 104 13.10 -12.35 -22.47
N ARG D 105 14.12 -11.85 -23.18
CA ARG D 105 15.38 -12.54 -23.34
C ARG D 105 16.27 -12.19 -22.16
N PRO D 106 16.64 -13.17 -21.33
CA PRO D 106 17.47 -12.91 -20.16
C PRO D 106 18.95 -12.72 -20.49
N LYS D 107 19.26 -11.75 -21.34
CA LYS D 107 20.63 -11.53 -21.80
C LYS D 107 20.92 -10.03 -21.71
N PRO D 108 21.23 -9.54 -20.51
CA PRO D 108 21.43 -8.12 -20.30
C PRO D 108 22.75 -7.64 -20.87
N VAL D 109 22.76 -6.45 -21.43
CA VAL D 109 23.96 -5.85 -21.99
C VAL D 109 23.85 -4.35 -21.86
N GLY D 110 24.90 -3.64 -22.26
CA GLY D 110 24.86 -2.19 -22.33
C GLY D 110 26.02 -1.52 -21.63
N THR D 111 26.24 -0.24 -21.94
CA THR D 111 27.39 0.44 -21.37
C THR D 111 27.06 1.43 -20.26
N LEU D 112 25.77 1.58 -19.93
CA LEU D 112 25.33 2.46 -18.83
C LEU D 112 25.47 1.74 -17.48
N VAL D 113 26.70 1.39 -17.14
CA VAL D 113 26.96 0.66 -15.92
C VAL D 113 28.09 1.33 -15.17
N ILE D 114 28.02 1.30 -13.84
CA ILE D 114 29.05 1.91 -12.99
C ILE D 114 30.46 1.36 -13.28
N ASP D 115 30.56 0.08 -13.60
CA ASP D 115 31.84 -0.56 -13.91
C ASP D 115 32.53 0.04 -15.15
N ALA D 116 31.76 0.66 -16.04
CA ALA D 116 32.31 1.24 -17.28
C ALA D 116 32.85 2.67 -17.11
N LEU D 117 32.90 3.14 -15.87
CA LEU D 117 33.39 4.47 -15.54
C LEU D 117 34.54 4.38 -14.54
N LEU D 118 35.50 5.29 -14.64
CA LEU D 118 36.55 5.40 -13.64
C LEU D 118 35.90 5.75 -12.30
N PRO D 119 36.43 5.25 -11.18
CA PRO D 119 35.89 5.68 -9.89
C PRO D 119 36.03 7.21 -9.74
N GLY D 120 35.12 7.83 -9.02
CA GLY D 120 35.14 9.26 -8.83
C GLY D 120 34.30 9.65 -7.63
N LYS D 121 33.91 10.91 -7.57
CA LYS D 121 33.14 11.46 -6.45
C LYS D 121 31.72 11.89 -6.77
N ARG D 122 31.43 12.24 -8.02
CA ARG D 122 30.07 12.63 -8.41
C ARG D 122 29.65 11.93 -9.67
N LEU D 123 28.40 11.47 -9.70
CA LEU D 123 27.86 10.73 -10.82
C LEU D 123 26.69 11.47 -11.37
N TRP D 124 26.73 11.75 -12.68
CA TRP D 124 25.69 12.51 -13.33
C TRP D 124 24.92 11.57 -14.22
N PHE D 125 23.60 11.65 -14.17
CA PHE D 125 22.70 10.97 -15.11
C PHE D 125 22.03 12.02 -15.99
N LEU D 126 22.21 11.91 -17.30
CA LEU D 126 21.75 12.93 -18.25
C LEU D 126 20.80 12.28 -19.25
N ALA D 127 19.51 12.58 -19.10
CA ALA D 127 18.46 11.89 -19.84
C ALA D 127 17.38 12.79 -20.40
N THR D 128 16.85 12.37 -21.53
CA THR D 128 15.63 12.99 -22.04
C THR D 128 14.58 11.92 -22.30
N GLY D 129 13.32 12.26 -22.07
CA GLY D 129 12.19 11.37 -22.34
C GLY D 129 12.36 10.03 -21.65
N THR D 130 12.11 8.93 -22.37
CA THR D 130 12.21 7.59 -21.80
C THR D 130 13.65 7.20 -21.49
N GLY D 131 14.60 8.06 -21.88
CA GLY D 131 16.02 7.94 -21.52
C GLY D 131 16.27 7.91 -20.04
N ILE D 132 15.29 8.36 -19.25
CA ILE D 132 15.40 8.17 -17.81
C ILE D 132 15.34 6.71 -17.35
N ALA D 133 14.80 5.83 -18.19
CA ALA D 133 14.65 4.42 -17.83
C ALA D 133 15.85 3.74 -17.14
N PRO D 134 17.04 3.73 -17.74
CA PRO D 134 18.18 3.14 -17.05
C PRO D 134 18.55 3.85 -15.73
N PHE D 135 18.16 5.10 -15.57
CA PHE D 135 18.43 5.82 -14.35
C PHE D 135 17.35 5.61 -13.28
N ALA D 136 16.17 5.16 -13.70
CA ALA D 136 15.18 4.64 -12.76
C ALA D 136 15.79 3.44 -12.04
N SER D 137 16.58 2.66 -12.77
CA SER D 137 17.31 1.55 -12.19
C SER D 137 18.48 2.04 -11.32
N LEU D 138 19.33 2.88 -11.91
CA LEU D 138 20.57 3.31 -11.27
C LEU D 138 20.36 4.20 -10.01
N MET D 139 19.29 5.00 -10.00
CA MET D 139 18.98 5.85 -8.84
C MET D 139 18.54 5.00 -7.65
N ARG D 140 18.15 3.75 -7.91
CA ARG D 140 17.76 2.82 -6.86
C ARG D 140 18.80 1.72 -6.60
N GLU D 141 20.02 1.94 -7.09
CA GLU D 141 21.12 0.98 -7.01
C GLU D 141 22.06 1.39 -5.88
N PRO D 142 22.22 0.56 -4.85
CA PRO D 142 23.08 0.87 -3.71
C PRO D 142 24.50 1.31 -4.11
N GLU D 143 25.06 0.68 -5.14
CA GLU D 143 26.41 1.00 -5.60
C GLU D 143 26.61 2.45 -5.98
N ALA D 144 25.57 3.07 -6.54
CA ALA D 144 25.66 4.49 -6.91
C ALA D 144 25.96 5.36 -5.69
N TYR D 145 25.32 5.04 -4.57
CA TYR D 145 25.52 5.79 -3.32
C TYR D 145 26.72 5.29 -2.50
N GLU D 146 27.15 4.06 -2.71
CA GLU D 146 28.34 3.53 -2.02
C GLU D 146 29.63 4.09 -2.61
N LYS D 147 29.62 4.32 -3.92
CA LYS D 147 30.83 4.66 -4.65
C LYS D 147 30.95 6.14 -4.99
N PHE D 148 29.88 6.91 -4.74
CA PHE D 148 29.85 8.33 -5.08
C PHE D 148 29.24 9.15 -3.94
N ASP D 149 29.76 10.36 -3.77
CA ASP D 149 29.27 11.28 -2.75
C ASP D 149 28.11 12.15 -3.21
N GLU D 150 27.76 12.06 -4.48
CA GLU D 150 26.70 12.88 -5.06
C GLU D 150 26.25 12.24 -6.36
N VAL D 151 24.93 12.13 -6.56
CA VAL D 151 24.31 11.61 -7.77
C VAL D 151 23.33 12.69 -8.28
N ILE D 152 23.55 13.16 -9.51
CA ILE D 152 22.78 14.26 -10.09
C ILE D 152 21.90 13.72 -11.22
N MET D 153 20.59 13.81 -11.08
CA MET D 153 19.67 13.37 -12.12
C MET D 153 19.12 14.56 -12.88
N MET D 154 19.63 14.82 -14.08
CA MET D 154 19.03 15.80 -14.98
C MET D 154 18.11 15.04 -15.96
N HIS D 155 16.82 15.38 -15.93
CA HIS D 155 15.84 14.85 -16.86
C HIS D 155 15.11 16.00 -17.53
N ALA D 156 15.27 16.08 -18.85
CA ALA D 156 14.64 17.10 -19.68
C ALA D 156 13.61 16.47 -20.63
N CYS D 157 12.40 17.02 -20.60
CA CYS D 157 11.32 16.60 -21.48
C CYS D 157 10.65 17.86 -22.06
N ARG D 158 9.82 17.70 -23.10
CA ARG D 158 9.05 18.83 -23.63
C ARG D 158 8.01 19.34 -22.65
N THR D 159 7.32 18.44 -21.96
CA THR D 159 6.18 18.81 -21.11
C THR D 159 6.24 18.20 -19.72
N VAL D 160 5.51 18.82 -18.80
CA VAL D 160 5.53 18.44 -17.39
C VAL D 160 5.01 17.01 -17.15
N ALA D 161 3.96 16.60 -17.84
CA ALA D 161 3.38 15.27 -17.64
C ALA D 161 4.41 14.15 -17.89
N GLU D 162 5.35 14.42 -18.79
CA GLU D 162 6.41 13.46 -19.12
C GLU D 162 7.41 13.22 -18.00
N LEU D 163 7.49 14.16 -17.05
CA LEU D 163 8.37 14.07 -15.90
C LEU D 163 7.85 13.23 -14.76
N GLU D 164 6.57 12.84 -14.80
CA GLU D 164 5.88 12.32 -13.61
C GLU D 164 6.40 10.98 -13.10
N TYR D 165 6.65 10.03 -13.99
CA TYR D 165 7.18 8.73 -13.58
C TYR D 165 8.47 8.92 -12.76
N GLY D 166 9.37 9.74 -13.29
CA GLY D 166 10.64 10.03 -12.64
C GLY D 166 10.45 10.76 -11.33
N ARG D 167 9.56 11.76 -11.32
CA ARG D 167 9.31 12.54 -10.12
C ARG D 167 8.77 11.69 -8.98
N GLN D 168 7.84 10.78 -9.27
CA GLN D 168 7.26 9.94 -8.21
C GLN D 168 8.31 8.98 -7.65
N LEU D 169 9.18 8.49 -8.51
CA LEU D 169 10.27 7.61 -8.11
C LEU D 169 11.23 8.33 -7.17
N VAL D 170 11.66 9.52 -7.55
CA VAL D 170 12.58 10.28 -6.72
C VAL D 170 11.95 10.63 -5.39
N GLU D 171 10.70 11.04 -5.41
CA GLU D 171 10.01 11.43 -4.19
C GLU D 171 9.92 10.26 -3.22
N ALA D 172 9.60 9.08 -3.75
CA ALA D 172 9.47 7.86 -2.94
C ALA D 172 10.79 7.55 -2.24
N LEU D 173 11.90 7.73 -2.95
CA LEU D 173 13.22 7.49 -2.37
C LEU D 173 13.54 8.43 -1.23
N GLN D 174 13.33 9.72 -1.49
CA GLN D 174 13.77 10.77 -0.57
C GLN D 174 12.84 10.85 0.66
N GLU D 175 11.59 10.44 0.47
CA GLU D 175 10.55 10.46 1.53
C GLU D 175 10.69 9.28 2.51
N ASP D 176 11.17 8.14 2.01
CA ASP D 176 11.24 6.94 2.83
C ASP D 176 12.25 7.18 3.97
N PRO D 177 11.84 6.97 5.22
CA PRO D 177 12.73 7.23 6.37
C PRO D 177 14.05 6.47 6.33
N LEU D 178 14.03 5.18 6.00
CA LEU D 178 15.28 4.42 5.92
C LEU D 178 16.09 4.87 4.71
N ILE D 179 15.52 4.83 3.51
CA ILE D 179 16.27 5.16 2.29
C ILE D 179 16.94 6.54 2.35
N GLY D 180 16.19 7.58 2.71
CA GLY D 180 16.77 8.91 2.96
C GLY D 180 17.99 8.92 3.87
N GLU D 181 17.98 8.06 4.89
CA GLU D 181 19.13 7.90 5.81
C GLU D 181 20.40 7.34 5.12
N LEU D 182 20.23 6.27 4.34
CA LEU D 182 21.34 5.60 3.66
C LEU D 182 21.86 6.44 2.49
N VAL D 183 20.95 7.15 1.85
CA VAL D 183 21.26 8.01 0.72
C VAL D 183 21.92 9.32 1.18
N GLU D 184 21.64 9.73 2.42
CA GLU D 184 22.20 10.96 3.05
C GLU D 184 22.30 12.23 2.17
N GLY D 185 21.16 12.70 1.63
CA GLY D 185 21.14 13.90 0.79
C GLY D 185 22.04 13.89 -0.45
N LYS D 186 22.38 12.71 -0.96
CA LYS D 186 23.31 12.59 -2.10
C LYS D 186 22.61 12.76 -3.46
N LEU D 187 21.33 12.42 -3.52
CA LEU D 187 20.58 12.48 -4.77
C LEU D 187 20.04 13.87 -5.02
N LYS D 188 20.48 14.48 -6.12
CA LYS D 188 20.00 15.79 -6.55
C LYS D 188 19.19 15.61 -7.85
N TYR D 189 17.94 16.02 -7.81
CA TYR D 189 17.00 15.84 -8.91
C TYR D 189 16.75 17.21 -9.59
N TYR D 190 16.94 17.24 -10.90
CA TYR D 190 16.89 18.49 -11.70
C TYR D 190 16.05 18.23 -12.94
N PRO D 191 14.74 18.14 -12.75
CA PRO D 191 13.83 18.01 -13.89
C PRO D 191 13.64 19.34 -14.62
N THR D 192 13.57 19.33 -15.95
CA THR D 192 13.19 20.52 -16.72
C THR D 192 12.26 20.20 -17.87
N THR D 193 11.55 21.23 -18.31
CA THR D 193 10.82 21.20 -19.56
C THR D 193 11.46 22.14 -20.57
N THR D 194 11.20 21.88 -21.84
CA THR D 194 11.70 22.74 -22.91
C THR D 194 10.58 23.43 -23.70
N ARG D 195 9.33 23.02 -23.54
CA ARG D 195 8.24 23.72 -24.21
C ARG D 195 7.29 24.33 -23.20
N GLU D 196 6.73 23.48 -22.33
CA GLU D 196 5.71 23.90 -21.37
C GLU D 196 6.30 24.72 -20.24
N GLU D 197 5.53 25.67 -19.72
CA GLU D 197 5.98 26.48 -18.59
C GLU D 197 6.15 25.59 -17.36
N PHE D 198 7.28 25.77 -16.69
CA PHE D 198 7.66 25.00 -15.52
C PHE D 198 8.74 25.85 -14.82
N HIS D 199 8.89 25.67 -13.51
CA HIS D 199 9.79 26.53 -12.74
C HIS D 199 11.24 26.40 -13.19
N HIS D 200 11.64 25.24 -13.72
CA HIS D 200 12.98 25.08 -14.31
C HIS D 200 12.86 24.60 -15.75
N MET D 201 13.45 25.36 -16.67
CA MET D 201 13.37 25.06 -18.08
C MET D 201 14.72 24.88 -18.72
N GLY D 202 14.72 24.29 -19.92
CA GLY D 202 15.89 24.29 -20.77
C GLY D 202 16.51 22.94 -20.99
N ARG D 203 17.18 22.80 -22.14
CA ARG D 203 17.92 21.59 -22.46
C ARG D 203 19.05 21.32 -21.51
N ILE D 204 19.41 20.06 -21.40
CA ILE D 204 20.51 19.65 -20.54
C ILE D 204 21.84 20.22 -21.06
N THR D 205 22.03 20.18 -22.38
CA THR D 205 23.22 20.76 -23.00
C THR D 205 23.40 22.23 -22.60
N ASP D 206 22.34 23.02 -22.82
CA ASP D 206 22.38 24.44 -22.52
C ASP D 206 22.59 24.73 -21.03
N ASN D 207 21.93 23.99 -20.16
CA ASN D 207 21.98 24.31 -18.72
C ASN D 207 23.29 23.83 -18.10
N LEU D 208 23.90 22.81 -18.70
CA LEU D 208 25.20 22.35 -18.25
C LEU D 208 26.31 23.29 -18.78
N ALA D 209 26.19 23.71 -20.03
CA ALA D 209 27.18 24.58 -20.66
C ALA D 209 27.21 25.99 -20.07
N SER D 210 26.03 26.52 -19.75
CA SER D 210 25.89 27.87 -19.18
C SER D 210 26.24 27.93 -17.70
N GLY D 211 26.08 26.80 -17.02
CA GLY D 211 26.31 26.70 -15.60
C GLY D 211 25.06 26.94 -14.79
N LYS D 212 23.93 27.18 -15.46
CA LYS D 212 22.66 27.36 -14.77
C LYS D 212 22.36 26.24 -13.76
N VAL D 213 22.63 24.98 -14.13
CA VAL D 213 22.34 23.86 -13.23
C VAL D 213 23.19 23.89 -11.95
N PHE D 214 24.41 24.40 -12.04
CA PHE D 214 25.29 24.51 -10.87
C PHE D 214 24.73 25.49 -9.86
N GLU D 215 24.28 26.65 -10.32
CA GLU D 215 23.67 27.65 -9.44
C GLU D 215 22.34 27.13 -8.89
N ASP D 216 21.50 26.55 -9.76
CA ASP D 216 20.17 26.10 -9.33
C ASP D 216 20.25 25.04 -8.24
N LEU D 217 21.15 24.07 -8.41
CA LEU D 217 21.36 23.01 -7.43
C LEU D 217 22.29 23.39 -6.28
N GLY D 218 23.02 24.49 -6.44
CA GLY D 218 23.98 24.91 -5.43
C GLY D 218 25.16 23.98 -5.30
N ILE D 219 25.70 23.54 -6.43
CA ILE D 219 26.84 22.63 -6.46
C ILE D 219 28.00 23.18 -7.28
N ALA D 220 29.15 22.54 -7.09
CA ALA D 220 30.38 22.89 -7.79
C ALA D 220 30.23 22.58 -9.28
N PRO D 221 30.84 23.37 -10.15
CA PRO D 221 30.79 23.09 -11.59
C PRO D 221 31.44 21.75 -11.97
N MET D 222 31.03 21.23 -13.11
CA MET D 222 31.53 19.96 -13.63
C MET D 222 33.04 20.00 -13.64
N ASN D 223 33.62 18.88 -13.26
CA ASN D 223 35.03 18.76 -12.92
C ASN D 223 35.51 17.40 -13.41
N PRO D 224 36.45 17.37 -14.36
CA PRO D 224 36.90 16.10 -14.96
C PRO D 224 37.64 15.18 -14.00
N GLU D 225 38.28 15.73 -12.97
CA GLU D 225 38.95 14.91 -11.96
C GLU D 225 37.99 14.05 -11.13
N THR D 226 36.81 14.58 -10.82
CA THR D 226 35.89 13.94 -9.88
C THR D 226 34.59 13.43 -10.49
N ASP D 227 34.20 13.98 -11.63
CA ASP D 227 32.85 13.74 -12.16
C ASP D 227 32.83 12.67 -13.24
N ARG D 228 31.75 11.90 -13.24
CA ARG D 228 31.51 10.80 -14.14
C ARG D 228 30.07 10.96 -14.58
N ALA D 229 29.80 10.68 -15.84
CA ALA D 229 28.50 10.92 -16.39
C ALA D 229 28.01 9.78 -17.30
N MET D 230 26.69 9.60 -17.31
CA MET D 230 26.02 8.68 -18.21
C MET D 230 24.95 9.45 -18.95
N VAL D 231 24.84 9.19 -20.27
CA VAL D 231 24.04 9.95 -21.21
C VAL D 231 23.07 8.98 -21.91
N CYS D 232 21.78 9.30 -21.87
CA CYS D 232 20.77 8.47 -22.52
C CYS D 232 19.62 9.32 -23.12
N GLY D 233 19.64 9.48 -24.43
CA GLY D 233 18.60 10.18 -25.15
C GLY D 233 18.66 9.84 -26.63
N SER D 234 18.06 10.67 -27.47
CA SER D 234 18.12 10.51 -28.90
C SER D 234 19.59 10.66 -29.32
N LEU D 235 19.92 10.18 -30.52
CA LEU D 235 21.27 10.35 -31.06
C LEU D 235 21.70 11.82 -31.09
N ALA D 236 20.79 12.72 -31.49
CA ALA D 236 21.05 14.15 -31.58
C ALA D 236 21.42 14.72 -30.21
N PHE D 237 20.71 14.28 -29.18
CA PHE D 237 20.95 14.67 -27.79
C PHE D 237 22.32 14.15 -27.32
N ASN D 238 22.61 12.87 -27.60
CA ASN D 238 23.84 12.25 -27.17
C ASN D 238 25.04 13.01 -27.74
N VAL D 239 24.99 13.30 -29.03
CA VAL D 239 26.09 13.97 -29.75
C VAL D 239 26.35 15.33 -29.13
N ASP D 240 25.28 16.07 -28.88
CA ASP D 240 25.43 17.41 -28.30
C ASP D 240 25.89 17.38 -26.85
N VAL D 241 25.40 16.43 -26.07
CA VAL D 241 25.83 16.30 -24.67
C VAL D 241 27.30 15.92 -24.67
N MET D 242 27.71 15.05 -25.58
CA MET D 242 29.11 14.61 -25.61
C MET D 242 30.05 15.84 -25.72
N LYS D 243 29.67 16.79 -26.58
CA LYS D 243 30.48 17.99 -26.79
C LYS D 243 30.55 18.86 -25.52
N VAL D 244 29.45 18.97 -24.78
CA VAL D 244 29.47 19.75 -23.54
C VAL D 244 30.37 19.10 -22.49
N LEU D 245 30.25 17.79 -22.33
CA LEU D 245 31.11 17.05 -21.40
C LEU D 245 32.56 17.21 -21.73
N GLU D 246 32.88 17.15 -23.03
CA GLU D 246 34.25 17.20 -23.51
C GLU D 246 34.80 18.61 -23.29
N SER D 247 33.90 19.60 -23.31
CA SER D 247 34.27 21.00 -23.08
C SER D 247 34.69 21.21 -21.63
N TYR D 248 34.24 20.35 -20.72
CA TYR D 248 34.67 20.37 -19.33
C TYR D 248 35.88 19.48 -19.07
N GLY D 249 36.35 18.78 -20.10
CA GLY D 249 37.54 17.95 -20.02
C GLY D 249 37.23 16.47 -19.81
N LEU D 250 35.97 16.07 -19.77
CA LEU D 250 35.59 14.67 -19.60
C LEU D 250 35.72 13.92 -20.92
N ARG D 251 36.17 12.67 -20.86
CA ARG D 251 36.37 11.83 -22.04
C ARG D 251 35.50 10.59 -21.95
N GLU D 252 35.05 10.13 -23.10
CA GLU D 252 34.22 8.94 -23.20
C GLU D 252 35.07 7.68 -23.05
N GLY D 253 34.51 6.68 -22.39
CA GLY D 253 35.13 5.38 -22.25
C GLY D 253 34.11 4.25 -22.27
N ALA D 254 34.48 3.14 -21.64
CA ALA D 254 33.74 1.86 -21.65
C ALA D 254 34.37 0.87 -20.69
N ASN D 255 33.81 -0.33 -20.61
CA ASN D 255 34.32 -1.40 -19.73
C ASN D 255 35.80 -1.69 -19.93
N SER D 256 36.18 -1.85 -21.20
CA SER D 256 37.57 -2.15 -21.60
C SER D 256 38.54 -1.06 -21.14
N GLU D 257 38.17 0.20 -21.39
CA GLU D 257 38.98 1.34 -20.94
C GLU D 257 38.05 2.43 -20.37
N PRO D 258 37.73 2.32 -19.08
CA PRO D 258 36.81 3.26 -18.45
C PRO D 258 37.43 4.64 -18.37
N ARG D 259 36.63 5.66 -18.67
CA ARG D 259 37.06 7.02 -18.51
C ARG D 259 35.97 7.78 -17.73
N GLU D 260 35.52 8.92 -18.23
CA GLU D 260 34.66 9.80 -17.45
C GLU D 260 33.19 9.75 -17.84
N PHE D 261 32.86 9.32 -19.06
CA PHE D 261 31.46 9.17 -19.42
C PHE D 261 31.14 8.03 -20.38
N VAL D 262 29.88 7.62 -20.36
CA VAL D 262 29.38 6.59 -21.26
C VAL D 262 28.06 7.06 -21.84
N VAL D 263 27.74 6.59 -23.05
CA VAL D 263 26.52 6.99 -23.76
C VAL D 263 25.77 5.80 -24.34
N GLU D 264 24.46 5.99 -24.47
CA GLU D 264 23.58 4.97 -25.05
C GLU D 264 22.30 5.62 -25.60
N LYS D 265 21.82 5.15 -26.74
CA LYS D 265 20.66 5.70 -27.36
C LYS D 265 19.41 5.18 -26.66
N ALA D 266 18.54 6.12 -26.31
CA ALA D 266 17.26 5.84 -25.67
C ALA D 266 16.32 5.13 -26.67
N PHE D 267 16.53 5.43 -27.96
CA PHE D 267 15.81 4.80 -29.05
C PHE D 267 16.59 5.11 -30.35
N VAL D 268 16.28 4.36 -31.39
CA VAL D 268 16.86 4.53 -32.72
C VAL D 268 15.84 5.26 -33.58
N GLY D 269 16.25 6.37 -34.19
CA GLY D 269 15.43 7.13 -35.14
C GLY D 269 15.06 8.54 -34.72
PA FAD E . -10.52 32.73 -18.45
O1A FAD E . -11.66 32.36 -17.59
O2A FAD E . -10.31 34.24 -18.58
O5B FAD E . -10.79 32.10 -19.89
C5B FAD E . -9.90 32.37 -20.96
C4B FAD E . -10.42 31.58 -22.15
O4B FAD E . -10.25 30.19 -22.12
C3B FAD E . -11.92 31.85 -22.30
O3B FAD E . -11.80 32.16 -23.67
C2B FAD E . -12.60 30.52 -22.34
O2B FAD E . -13.34 30.45 -23.52
C1B FAD E . -11.47 29.52 -22.33
N9A FAD E . -11.72 28.55 -21.26
C8A FAD E . -11.89 28.79 -19.92
N7A FAD E . -12.08 27.61 -19.29
C5A FAD E . -12.04 26.62 -20.21
C6A FAD E . -12.17 25.24 -20.12
N6A FAD E . -12.28 24.62 -18.94
N1A FAD E . -12.07 24.48 -21.27
C2A FAD E . -11.85 25.08 -22.50
N3A FAD E . -11.71 26.46 -22.58
C4A FAD E . -11.81 27.20 -21.45
N1 FAD E . -12.80 25.06 -15.98
C2 FAD E . -12.06 23.94 -15.71
O2 FAD E . -10.89 23.90 -16.10
N3 FAD E . -12.61 22.89 -15.02
C4 FAD E . -13.92 22.93 -14.58
O4 FAD E . -14.36 22.02 -13.85
C4X FAD E . -14.67 24.07 -14.86
N5 FAD E . -15.99 24.14 -14.45
C5X FAD E . -16.73 25.27 -14.72
C6 FAD E . -18.05 25.22 -14.24
C7 FAD E . -18.78 26.37 -14.56
C7M FAD E . -20.28 26.22 -14.34
C8 FAD E . -18.27 27.48 -15.25
C8M FAD E . -19.17 28.61 -15.64
C9 FAD E . -16.95 27.47 -15.68
C9A FAD E . -16.17 26.35 -15.42
N10 FAD E . -14.84 26.28 -15.85
C10 FAD E . -14.11 25.14 -15.55
C1' FAD E . -14.11 27.48 -16.39
C2' FAD E . -13.41 28.20 -15.24
O2' FAD E . -14.37 28.87 -14.46
C3' FAD E . -12.36 29.20 -15.76
O3' FAD E . -12.81 29.85 -16.92
C4' FAD E . -11.02 28.50 -15.98
O4' FAD E . -10.45 28.22 -14.74
C5' FAD E . -10.04 29.37 -16.78
O5' FAD E . -9.86 30.56 -16.04
P FAD E . -8.76 31.63 -16.49
O1P FAD E . -8.81 32.78 -15.56
O2P FAD E . -7.38 30.94 -16.50
O3P FAD E . -9.14 32.03 -17.99
PA NAP F . -13.70 22.54 -28.73
O1A NAP F . -12.55 23.54 -28.27
O2A NAP F . -15.04 22.83 -27.93
O5B NAP F . -13.20 21.02 -28.53
C5B NAP F . -13.99 20.10 -27.77
C4B NAP F . -14.77 19.17 -28.71
O4B NAP F . -16.16 19.51 -28.83
C3B NAP F . -14.19 19.15 -30.11
O3B NAP F . -13.91 17.77 -30.32
C2B NAP F . -15.28 19.57 -31.07
O2B NAP F . -15.44 18.79 -32.24
C1B NAP F . -16.52 19.62 -30.21
N9A NAP F . -17.50 20.68 -30.61
C8A NAP F . -17.29 21.99 -30.91
N7A NAP F . -18.46 22.62 -31.24
C5A NAP F . -19.43 21.69 -31.18
C6A NAP F . -20.88 21.57 -31.38
N6A NAP F . -21.55 22.68 -31.75
N1A NAP F . -21.51 20.38 -31.19
C2A NAP F . -20.86 19.25 -30.82
N3A NAP F . -19.53 19.23 -30.60
C4A NAP F . -18.79 20.46 -30.77
O3 NAP F . -13.91 22.64 -30.33
PN NAP F . -13.69 24.07 -31.03
O1N NAP F . -12.12 24.33 -31.19
O2N NAP F . -14.34 25.17 -30.08
O5D NAP F . -14.39 24.10 -32.46
P2B NAP F . -14.85 19.36 -33.63
O1X NAP F . -13.32 18.93 -33.73
O2X NAP F . -15.64 18.78 -34.87
O3X NAP F . -14.93 20.95 -33.59
PA FAD G . -5.96 -31.53 13.59
O1A FAD G . -7.03 -31.45 12.57
O2A FAD G . -5.41 -32.94 13.77
O5B FAD G . -6.49 -30.95 15.00
C5B FAD G . -5.65 -31.12 16.12
C4B FAD G . -6.33 -30.48 17.31
O4B FAD G . -6.45 -29.09 17.29
C3B FAD G . -7.77 -31.03 17.54
O3B FAD G . -7.68 -31.34 18.91
C2B FAD G . -8.71 -29.84 17.52
O2B FAD G . -9.61 -29.94 18.61
C1B FAD G . -7.77 -28.65 17.45
N9A FAD G . -8.11 -27.76 16.34
C8A FAD G . -8.12 -28.01 15.00
N7A FAD G . -8.48 -26.87 14.36
C5A FAD G . -8.70 -25.91 15.29
C6A FAD G . -9.08 -24.57 15.22
N6A FAD G . -9.30 -23.99 14.03
N1A FAD G . -9.20 -23.82 16.37
C2A FAD G . -8.97 -24.40 17.61
N3A FAD G . -8.58 -25.73 17.67
C4A FAD G . -8.46 -26.46 16.54
N1 FAD G . -9.40 -24.35 10.99
C2 FAD G . -8.84 -23.11 10.78
O2 FAD G . -7.72 -22.84 11.26
N3 FAD G . -9.51 -22.17 10.01
C4 FAD G . -10.75 -22.44 9.45
O4 FAD G . -11.27 -21.59 8.69
C4X FAD G . -11.33 -23.69 9.67
N5 FAD G . -12.58 -23.98 9.15
C5X FAD G . -13.10 -25.22 9.38
C6 FAD G . -14.32 -25.62 8.90
C7 FAD G . -15.04 -26.80 9.00
C7M FAD G . -16.49 -26.86 8.63
C8 FAD G . -14.35 -27.78 9.79
C8M FAD G . -14.99 -29.09 10.14
C9 FAD G . -13.07 -27.47 10.32
C9A FAD G . -12.43 -26.21 10.13
N10 FAD G . -11.18 -25.91 10.67
C10 FAD G . -10.64 -24.64 10.44
C1' FAD G . -10.29 -26.97 11.25
C2' FAD G . -9.37 -27.53 10.17
O2' FAD G . -10.14 -28.36 9.33
C3' FAD G . -8.23 -28.35 10.76
O3' FAD G . -8.66 -29.07 11.89
C4' FAD G . -7.06 -27.43 11.10
O4' FAD G . -6.49 -27.01 9.88
C5' FAD G . -6.00 -28.12 11.93
O5' FAD G . -5.57 -29.26 11.25
P FAD G . -4.30 -30.09 11.76
O1P FAD G . -4.07 -31.24 10.84
O2P FAD G . -3.08 -29.17 11.85
O3P FAD G . -4.71 -30.59 13.23
PA NAP H . -11.46 -23.06 24.69
O1A NAP H . -10.01 -22.59 25.14
O2A NAP H . -11.35 -24.49 24.01
O5B NAP H . -12.29 -22.04 23.76
C5B NAP H . -11.91 -20.69 23.45
C4B NAP H . -12.98 -19.64 23.84
O4B NAP H . -14.36 -20.08 23.74
C3B NAP H . -12.75 -19.30 25.28
O3B NAP H . -12.82 -17.88 25.24
C2B NAP H . -13.93 -19.77 26.08
O2B NAP H . -14.35 -18.96 27.17
C1B NAP H . -14.99 -20.07 25.02
N9A NAP H . -15.85 -21.22 25.34
C8A NAP H . -15.52 -22.49 25.68
N7A NAP H . -16.62 -23.26 25.91
C5A NAP H . -17.69 -22.45 25.70
C6A NAP H . -19.16 -22.52 25.73
N6A NAP H . -19.74 -23.70 26.06
N1A NAP H . -19.90 -21.43 25.45
C2A NAP H . -19.36 -20.24 25.12
N3A NAP H . -18.03 -20.05 25.06
C4A NAP H . -17.17 -21.17 25.34
O3 NAP H . -12.38 -23.07 26.00
PN NAP H . -11.78 -23.77 27.30
O1N NAP H . -13.01 -24.04 28.29
O2N NAP H . -10.70 -22.82 27.99
O5D NAP H . -11.04 -25.13 26.87
P2B NAP H . -13.82 -19.32 28.65
O1X NAP H . -12.43 -18.57 28.86
O2X NAP H . -14.88 -18.79 29.69
O3X NAP H . -13.59 -20.89 28.85
PA FAD I . 7.15 -3.12 38.20
O1A FAD I . 8.26 -2.30 37.68
O2A FAD I . 6.70 -2.72 39.61
O5B FAD I . 7.67 -4.63 38.26
C5B FAD I . 6.92 -5.65 38.88
C4B FAD I . 7.68 -6.94 38.66
O4B FAD I . 7.69 -7.46 37.34
C3B FAD I . 9.16 -6.70 39.03
O3B FAD I . 9.16 -7.75 39.98
C2B FAD I . 9.99 -7.34 37.96
O2B FAD I . 11.07 -8.01 38.58
C1B FAD I . 9.00 -7.74 36.90
N9A FAD I . 9.28 -7.03 35.64
C8A FAD I . 9.28 -5.68 35.38
N7A FAD I . 9.59 -5.51 34.06
C5A FAD I . 9.78 -6.73 33.50
C6A FAD I . 10.10 -7.16 32.22
N6A FAD I . 10.22 -6.30 31.20
N1A FAD I . 10.23 -8.52 31.96
C2A FAD I . 10.03 -9.44 32.98
N3A FAD I . 9.70 -9.00 34.24
C4A FAD I . 9.59 -7.68 34.49
N1 FAD I . 10.34 -3.33 30.51
C2 FAD I . 9.77 -3.63 29.31
O2 FAD I . 8.68 -4.18 29.29
N3 FAD I . 10.42 -3.32 28.12
C4 FAD I . 11.66 -2.69 28.12
O4 FAD I . 12.09 -2.22 27.05
C4X FAD I . 12.24 -2.39 29.35
N5 FAD I . 13.49 -1.79 29.41
C5X FAD I . 14.08 -1.48 30.63
C6 FAD I . 15.34 -0.86 30.45
C7 FAD I . 15.84 -0.60 31.76
C7M FAD I . 17.32 -0.11 31.75
C8 FAD I . 15.25 -0.88 32.98
C8M FAD I . 16.03 -0.77 34.26
C9 FAD I . 14.02 -1.49 33.01
C9A FAD I . 13.41 -1.80 31.82
N10 FAD I . 12.16 -2.42 31.77
C10 FAD I . 11.58 -2.71 30.54
C1' FAD I . 11.28 -2.60 32.98
C2' FAD I . 10.37 -1.38 33.12
O2' FAD I . 11.13 -0.27 33.56
C3' FAD I . 9.23 -1.63 34.11
O3' FAD I . 9.70 -2.39 35.21
C4' FAD I . 8.05 -2.31 33.45
O4' FAD I . 7.40 -1.36 32.64
C5' FAD I . 7.04 -2.85 34.45
O5' FAD I . 6.60 -1.76 35.22
P FAD I . 5.39 -1.95 36.26
O1P FAD I . 5.23 -0.69 37.02
O2P FAD I . 4.14 -2.42 35.51
O3P FAD I . 5.88 -3.16 37.21
PA NAP J . 12.70 -15.47 33.40
O1A NAP J . 11.12 -15.55 33.53
O2A NAP J . 13.17 -13.96 33.13
O5B NAP J . 13.24 -16.44 32.24
C5B NAP J . 13.55 -15.92 30.95
C4B NAP J . 14.53 -16.88 30.31
O4B NAP J . 15.88 -16.66 30.79
C3B NAP J . 14.15 -18.29 30.70
O3B NAP J . 14.15 -18.93 29.45
C2B NAP J . 15.25 -18.85 31.58
O2B NAP J . 15.64 -20.20 31.37
C1B NAP J . 16.37 -17.85 31.44
N9A NAP J . 17.17 -17.66 32.66
C8A NAP J . 16.79 -17.47 33.95
N7A NAP J . 17.89 -17.35 34.77
C5A NAP J . 18.98 -17.49 34.00
C6A NAP J . 20.45 -17.50 34.13
N6A NAP J . 21.00 -17.32 35.35
N1A NAP J . 21.23 -17.68 33.02
C2A NAP J . 20.72 -17.87 31.79
N3A NAP J . 19.40 -17.88 31.56
C4A NAP J . 18.49 -17.68 32.66
O3 NAP J . 13.36 -16.05 34.77
PN NAP J . 12.93 -17.53 35.26
O1N NAP J . 13.45 -17.75 36.74
O2N NAP J . 13.59 -18.61 34.31
O5D NAP J . 11.35 -17.69 35.19
P2B NAP J . 15.11 -21.35 32.36
O1X NAP J . 13.62 -21.67 31.91
O2X NAP J . 16.01 -22.65 32.29
O3X NAP J . 15.08 -20.85 33.86
PA FAD K . 9.33 1.68 -33.52
O1A FAD K . 10.48 0.95 -32.91
O2A FAD K . 9.01 1.24 -34.95
O5B FAD K . 9.61 3.25 -33.52
C5B FAD K . 8.74 4.11 -34.21
C4B FAD K . 9.24 5.53 -33.98
O4B FAD K . 9.06 6.02 -32.68
C3B FAD K . 10.73 5.66 -34.31
O3B FAD K . 10.58 6.59 -35.36
C2B FAD K . 11.38 6.41 -33.18
O2B FAD K . 12.33 7.33 -33.68
C1B FAD K . 10.25 6.57 -32.18
N9A FAD K . 10.59 5.92 -30.91
C8A FAD K . 10.78 4.58 -30.62
N7A FAD K . 11.04 4.47 -29.30
C5A FAD K . 11.02 5.71 -28.75
C6A FAD K . 11.21 6.20 -27.46
N6A FAD K . 11.40 5.34 -26.45
N1A FAD K . 11.09 7.55 -27.21
C2A FAD K . 10.81 8.44 -28.24
N3A FAD K . 10.61 7.96 -29.51
C4A FAD K . 10.71 6.62 -29.75
N1 FAD K . 11.90 2.48 -25.60
C2 FAD K . 11.18 2.68 -24.44
O2 FAD K . 10.00 3.04 -24.49
N3 FAD K . 11.78 2.44 -23.21
C4 FAD K . 13.09 2.02 -23.10
O4 FAD K . 13.53 1.67 -21.99
C4X FAD K . 13.83 1.85 -24.27
N5 FAD K . 15.15 1.44 -24.20
C5X FAD K . 15.83 1.27 -25.38
C6 FAD K . 17.15 0.87 -25.43
C7 FAD K . 18.01 0.62 -26.48
C7M FAD K . 19.48 0.41 -26.27
C8 FAD K . 17.41 0.86 -27.75
C8M FAD K . 18.19 0.78 -29.02
C9 FAD K . 16.05 1.27 -27.81
C9A FAD K . 15.25 1.48 -26.64
N10 FAD K . 13.92 1.88 -26.70
C10 FAD K . 13.22 2.07 -25.53
C1' FAD K . 13.12 1.89 -27.98
C2' FAD K . 12.45 0.54 -28.17
O2' FAD K . 13.41 -0.44 -28.50
C3' FAD K . 11.39 0.58 -29.27
O3' FAD K . 11.80 1.41 -30.34
C4' FAD K . 10.05 1.06 -28.70
O4' FAD K . 9.51 0.02 -27.92
C5' FAD K . 9.05 1.43 -29.79
O5' FAD K . 8.85 0.27 -30.58
P FAD K . 7.69 0.24 -31.68
O1P FAD K . 7.76 -1.05 -32.40
O2P FAD K . 6.32 0.52 -31.02
O3P FAD K . 8.01 1.50 -32.63
PA NAP L . 12.30 15.10 -29.12
O1A NAP L . 10.74 15.06 -29.41
O2A NAP L . 12.89 13.62 -28.99
O5B NAP L . 12.65 16.00 -27.83
C5B NAP L . 12.85 15.45 -26.52
C4B NAP L . 13.54 16.52 -25.66
O4B NAP L . 14.95 16.53 -25.92
C3B NAP L . 12.99 17.88 -26.04
O3B NAP L . 12.73 18.47 -24.77
C2B NAP L . 14.11 18.64 -26.70
O2B NAP L . 14.27 20.02 -26.41
C1B NAP L . 15.35 17.82 -26.44
N9A NAP L . 16.34 17.80 -27.56
C8A NAP L . 16.13 17.58 -28.88
N7A NAP L . 17.31 17.66 -29.58
C5A NAP L . 18.27 17.94 -28.69
C6A NAP L . 19.73 18.17 -28.63
N6A NAP L . 20.43 18.11 -29.78
N1A NAP L . 20.33 18.44 -27.45
C2A NAP L . 19.67 18.52 -26.28
N3A NAP L . 18.35 18.33 -26.21
C4A NAP L . 17.63 18.02 -27.40
O3 NAP L . 13.04 15.86 -30.32
PN NAP L . 12.64 17.37 -30.67
O1N NAP L . 12.89 18.32 -29.41
O2N NAP L . 11.11 17.38 -31.08
O5D NAP L . 13.57 17.90 -31.86
P2B NAP L . 13.63 21.13 -27.41
O1X NAP L . 12.12 21.26 -26.95
O2X NAP L . 14.40 22.50 -27.19
O3X NAP L . 13.68 20.79 -28.97
#